data_6F7M
#
_entry.id   6F7M
#
_entity_poly.entity_id   1
_entity_poly.type   'polypeptide(L)'
_entity_poly.pdbx_seq_one_letter_code
;(ACE)KRIGVRLPGHQKR(MK8)AYS(MK8)LGLKDQV(NH2)
;
_entity_poly.pdbx_strand_id   A
#
loop_
_chem_comp.id
_chem_comp.type
_chem_comp.name
_chem_comp.formula
ACE non-polymer 'ACETYL GROUP' 'C2 H4 O'
NH2 non-polymer 'AMINO GROUP' 'H2 N'
#
# COMPACT_ATOMS: atom_id res chain seq x y z
C ACE A 1 5.65 13.66 17.59
O ACE A 1 6.42 12.77 17.23
CH3 ACE A 1 6.14 15.00 18.04
H1 ACE A 1 6.17 15.01 19.13
H2 ACE A 1 7.14 15.16 17.65
H3 ACE A 1 5.46 15.77 17.68
N LYS A 2 4.33 13.50 17.61
CA LYS A 2 3.71 12.26 17.18
C LYS A 2 2.73 12.50 16.03
N ARG A 3 3.04 13.48 15.20
CA ARG A 3 2.20 13.81 14.06
C ARG A 3 2.22 12.70 13.02
N ILE A 4 1.05 12.35 12.50
CA ILE A 4 0.94 11.30 11.50
C ILE A 4 0.47 11.85 10.16
N GLY A 5 1.18 11.51 9.09
CA GLY A 5 0.82 11.98 7.77
C GLY A 5 1.50 13.29 7.42
N VAL A 6 2.83 13.27 7.35
CA VAL A 6 3.59 14.47 7.03
C VAL A 6 4.51 14.22 5.83
N ARG A 7 3.94 14.28 4.63
CA ARG A 7 4.72 14.06 3.42
C ARG A 7 5.36 12.68 3.42
N LEU A 8 4.60 11.67 3.01
CA LEU A 8 5.10 10.30 2.98
C LEU A 8 6.09 10.12 1.84
N PRO A 9 6.92 9.07 1.94
CA PRO A 9 7.92 8.76 0.91
C PRO A 9 7.30 8.25 -0.38
N GLY A 10 6.08 7.74 -0.28
CA GLY A 10 5.38 7.24 -1.45
C GLY A 10 4.14 6.44 -1.10
N HIS A 11 4.32 5.14 -0.85
CA HIS A 11 3.20 4.27 -0.50
C HIS A 11 2.12 4.32 -1.56
N GLN A 12 2.53 4.52 -2.83
CA GLN A 12 1.59 4.58 -3.92
C GLN A 12 1.51 3.24 -4.66
N LYS A 13 2.67 2.66 -4.94
CA LYS A 13 2.73 1.38 -5.64
C LYS A 13 2.19 0.26 -4.75
N ARG A 14 2.29 0.44 -3.43
CA ARG A 14 1.82 -0.55 -2.48
C ARG A 14 0.35 -0.32 -2.13
C MK8 A 15 -2.38 0.26 -2.78
N MK8 A 15 -0.15 0.94 -2.25
O MK8 A 15 -3.05 -0.57 -2.22
CA MK8 A 15 -1.58 1.29 -2.02
CB MK8 A 15 -2.03 2.68 -2.57
CD MK8 A 15 -4.70 2.28 -2.70
CE MK8 A 15 -4.85 2.21 -4.21
CG MK8 A 15 -3.49 3.15 -2.23
CB1 MK8 A 15 -1.87 1.25 -0.49
H MK8 A 15 0.43 1.67 -2.63
HB MK8 A 15 -1.36 3.44 -2.16
HBA MK8 A 15 -1.90 2.74 -3.65
HD MK8 A 15 -4.69 1.30 -2.22
HDA MK8 A 15 -5.60 2.78 -2.30
HE MK8 A 15 -4.30 3.00 -4.72
HG MK8 A 15 -3.57 3.28 -1.14
HGA MK8 A 15 -3.62 4.16 -2.63
HB1 MK8 A 15 -2.93 1.26 -0.27
HB1A MK8 A 15 -1.44 0.37 -0.02
HB1B MK8 A 15 -1.41 2.12 0.00
N ALA A 16 -2.07 0.20 -4.11
CA ALA A 16 -2.69 -0.71 -5.07
C ALA A 16 -2.64 -2.15 -4.56
N TYR A 17 -1.49 -2.56 -4.06
CA TYR A 17 -1.31 -3.92 -3.56
C TYR A 17 -2.22 -4.17 -2.35
N SER A 18 -2.21 -3.23 -1.42
CA SER A 18 -3.03 -3.35 -0.21
C SER A 18 -4.49 -3.53 -0.57
C MK8 A 19 -6.57 -4.53 -2.54
N MK8 A 19 -4.98 -2.88 -1.66
O MK8 A 19 -7.55 -5.13 -2.19
CA MK8 A 19 -6.35 -3.04 -2.22
CB MK8 A 19 -6.58 -2.18 -3.52
CD MK8 A 19 -6.45 0.16 -4.65
CE MK8 A 19 -5.56 1.37 -4.97
CG MK8 A 19 -6.09 -0.70 -3.43
CB1 MK8 A 19 -7.41 -2.52 -1.20
H MK8 A 19 -4.32 -2.39 -2.24
HB MK8 A 19 -6.07 -2.67 -4.36
HBA MK8 A 19 -7.64 -2.20 -3.77
HD MK8 A 19 -6.39 -0.49 -5.53
HDA MK8 A 19 -7.49 0.47 -4.60
HE MK8 A 19 -5.50 1.56 -6.04
HG MK8 A 19 -6.47 -0.21 -2.53
HGA MK8 A 19 -5.02 -0.74 -3.37
HB1 MK8 A 19 -7.22 -1.49 -0.90
HB1A MK8 A 19 -8.42 -2.58 -1.62
HB1B MK8 A 19 -7.40 -3.11 -0.30
N LEU A 20 -5.53 -5.19 -3.12
CA LEU A 20 -5.46 -6.61 -3.47
C LEU A 20 -5.67 -7.48 -2.24
N GLY A 21 -4.89 -7.23 -1.20
CA GLY A 21 -5.00 -8.00 0.03
C GLY A 21 -6.26 -7.68 0.80
N LEU A 22 -7.00 -6.68 0.33
CA LEU A 22 -8.24 -6.27 0.98
C LEU A 22 -9.41 -6.24 -0.02
N LYS A 23 -9.34 -7.13 -1.01
CA LYS A 23 -10.38 -7.22 -2.02
C LYS A 23 -10.77 -8.66 -2.29
N ASP A 24 -9.77 -9.49 -2.58
CA ASP A 24 -10.00 -10.90 -2.85
C ASP A 24 -10.63 -11.60 -1.65
N GLN A 25 -10.29 -11.11 -0.45
CA GLN A 25 -10.82 -11.69 0.78
C GLN A 25 -12.27 -11.28 1.00
N VAL A 26 -12.51 -9.97 1.14
CA VAL A 26 -13.86 -9.46 1.34
C VAL A 26 -14.80 -9.94 0.25
N NH2 A 27 -14.32 -9.96 -0.97
HN1 NH2 A 27 -13.38 -9.66 -1.15
HN2 NH2 A 27 -14.89 -10.26 -1.74
C ACE A 1 11.47 26.29 -1.42
O ACE A 1 11.68 25.63 -2.42
CH3 ACE A 1 10.38 27.31 -1.34
H1 ACE A 1 10.30 27.81 -2.31
H2 ACE A 1 9.44 26.81 -1.11
H3 ACE A 1 10.61 28.03 -0.56
N LYS A 2 12.20 26.16 -0.31
CA LYS A 2 13.30 25.22 -0.21
C LYS A 2 12.79 23.83 0.14
N ARG A 3 13.38 22.81 -0.48
CA ARG A 3 12.99 21.43 -0.23
C ARG A 3 13.72 20.86 0.99
N ILE A 4 12.99 20.14 1.81
CA ILE A 4 13.56 19.53 3.01
C ILE A 4 13.71 18.02 2.87
N GLY A 5 12.87 17.43 2.01
CA GLY A 5 12.93 16.01 1.79
C GLY A 5 11.62 15.45 1.24
N VAL A 6 11.69 14.88 0.05
CA VAL A 6 10.51 14.30 -0.59
C VAL A 6 10.39 12.81 -0.30
N ARG A 7 10.01 12.48 0.93
CA ARG A 7 9.86 11.08 1.34
C ARG A 7 8.65 10.92 2.26
N LEU A 8 7.46 10.90 1.67
CA LEU A 8 6.23 10.75 2.44
C LEU A 8 5.83 9.28 2.52
N PRO A 9 5.01 8.94 3.54
CA PRO A 9 4.54 7.57 3.74
C PRO A 9 3.53 7.15 2.68
N GLY A 10 2.91 8.12 2.03
CA GLY A 10 1.93 7.83 0.99
C GLY A 10 2.58 7.47 -0.33
N HIS A 11 2.47 6.20 -0.72
CA HIS A 11 3.06 5.73 -1.97
C HIS A 11 1.97 5.37 -2.97
N GLN A 12 2.30 5.44 -4.26
CA GLN A 12 1.35 5.12 -5.31
C GLN A 12 1.67 3.77 -5.94
N LYS A 13 2.11 2.83 -5.12
CA LYS A 13 2.46 1.50 -5.59
C LYS A 13 1.86 0.43 -4.67
N ARG A 14 2.37 0.36 -3.44
CA ARG A 14 1.88 -0.62 -2.48
C ARG A 14 0.42 -0.37 -2.13
C MK8 A 15 -2.31 0.22 -2.81
N MK8 A 15 -0.08 0.91 -2.23
O MK8 A 15 -3.00 -0.60 -2.25
CA MK8 A 15 -1.52 1.25 -2.04
CB MK8 A 15 -1.91 2.65 -2.61
CD MK8 A 15 -4.59 2.29 -2.81
CE MK8 A 15 -4.70 2.14 -4.31
CG MK8 A 15 -3.37 3.15 -2.33
CB1 MK8 A 15 -1.83 1.23 -0.51
H MK8 A 15 0.53 1.63 -2.57
HB MK8 A 15 -1.23 3.40 -2.19
HBA MK8 A 15 -1.73 2.70 -3.69
HD MK8 A 15 -4.60 1.33 -2.30
HDA MK8 A 15 -5.49 2.80 -2.47
HE MK8 A 15 -4.10 2.86 -4.87
HG MK8 A 15 -3.49 3.32 -1.26
HGA MK8 A 15 -3.48 4.14 -2.78
HB1 MK8 A 15 -1.47 0.33 -0.04
HB1A MK8 A 15 -1.36 2.08 -0.01
HB1B MK8 A 15 -2.91 1.29 -0.33
N ALA A 16 -1.99 0.15 -4.13
CA ALA A 16 -2.62 -0.76 -5.09
C ALA A 16 -2.59 -2.19 -4.58
N TYR A 17 -1.43 -2.60 -4.07
CA TYR A 17 -1.27 -3.96 -3.55
C TYR A 17 -2.19 -4.20 -2.35
N SER A 18 -2.18 -3.25 -1.41
CA SER A 18 -3.01 -3.37 -0.22
C SER A 18 -4.48 -3.55 -0.59
C MK8 A 19 -6.53 -4.55 -2.54
N MK8 A 19 -4.94 -2.90 -1.69
O MK8 A 19 -7.52 -5.13 -2.16
CA MK8 A 19 -6.31 -3.05 -2.25
CB MK8 A 19 -6.52 -2.20 -3.56
CD MK8 A 19 -6.42 0.17 -4.65
CE MK8 A 19 -5.46 1.30 -5.04
CG MK8 A 19 -5.99 -0.74 -3.47
CB1 MK8 A 19 -7.36 -2.52 -1.25
H MK8 A 19 -4.28 -2.39 -2.26
HB MK8 A 19 -6.05 -2.71 -4.41
HBA MK8 A 19 -7.59 -2.19 -3.80
HD MK8 A 19 -6.52 -0.47 -5.53
HDA MK8 A 19 -7.40 0.58 -4.46
HE MK8 A 19 -5.37 1.41 -6.11
HG MK8 A 19 -6.28 -0.27 -2.54
HGA MK8 A 19 -4.92 -0.81 -3.49
HB1 MK8 A 19 -7.20 -1.47 -0.99
HB1A MK8 A 19 -8.37 -2.61 -1.65
HB1B MK8 A 19 -7.34 -3.07 -0.32
N LEU A 20 -5.50 -5.22 -3.12
CA LEU A 20 -5.45 -6.64 -3.45
C LEU A 20 -5.67 -7.51 -2.21
N GLY A 21 -4.89 -7.24 -1.17
CA GLY A 21 -5.03 -7.99 0.06
C GLY A 21 -6.30 -7.65 0.82
N LEU A 22 -7.02 -6.65 0.32
CA LEU A 22 -8.27 -6.23 0.97
C LEU A 22 -9.40 -6.17 -0.05
N LYS A 23 -9.36 -7.08 -1.02
CA LYS A 23 -10.40 -7.13 -2.05
C LYS A 23 -10.98 -8.55 -2.16
N ASP A 24 -10.12 -9.55 -2.06
CA ASP A 24 -10.55 -10.94 -2.13
C ASP A 24 -11.25 -11.36 -0.85
N GLN A 25 -10.64 -11.03 0.29
CA GLN A 25 -11.21 -11.38 1.58
C GLN A 25 -12.60 -10.78 1.76
N VAL A 26 -12.74 -9.53 1.32
CA VAL A 26 -14.03 -8.84 1.42
C VAL A 26 -15.10 -9.54 0.61
N NH2 A 27 -14.80 -9.81 -0.65
HN1 NH2 A 27 -13.90 -9.55 -1.01
HN2 NH2 A 27 -15.46 -10.27 -1.24
C ACE A 1 9.84 -14.19 5.74
O ACE A 1 8.97 -14.15 4.87
CH3 ACE A 1 10.43 -15.46 6.22
H1 ACE A 1 10.68 -16.10 5.37
H2 ACE A 1 11.35 -15.26 6.78
H3 ACE A 1 9.72 -15.98 6.87
N LYS A 2 10.33 -13.10 6.32
CA LYS A 2 9.85 -11.76 5.97
C LYS A 2 11.02 -10.86 5.56
N ARG A 3 11.13 -10.58 4.27
CA ARG A 3 12.20 -9.73 3.76
C ARG A 3 11.78 -8.25 3.77
N ILE A 4 11.62 -7.70 4.97
CA ILE A 4 11.21 -6.31 5.12
C ILE A 4 12.24 -5.37 4.49
N GLY A 5 13.45 -5.39 5.05
CA GLY A 5 14.51 -4.54 4.54
C GLY A 5 14.35 -3.09 4.98
N VAL A 6 14.50 -2.17 4.03
CA VAL A 6 14.37 -0.75 4.32
C VAL A 6 13.12 -0.16 3.70
N ARG A 7 12.04 -0.10 4.48
CA ARG A 7 10.77 0.43 4.00
C ARG A 7 10.96 1.82 3.39
N LEU A 8 10.11 2.15 2.43
CA LEU A 8 10.19 3.44 1.76
C LEU A 8 8.99 4.32 2.14
N PRO A 9 9.18 5.65 2.08
CA PRO A 9 8.14 6.61 2.41
C PRO A 9 7.02 6.64 1.37
N GLY A 10 7.32 6.16 0.17
CA GLY A 10 6.34 6.14 -0.90
C GLY A 10 5.38 4.97 -0.77
N HIS A 11 4.13 5.26 -0.46
CA HIS A 11 3.11 4.23 -0.32
C HIS A 11 2.06 4.33 -1.42
N GLN A 12 2.52 4.55 -2.65
CA GLN A 12 1.62 4.67 -3.79
C GLN A 12 1.44 3.33 -4.49
N LYS A 13 2.55 2.74 -4.92
CA LYS A 13 2.51 1.45 -5.60
C LYS A 13 1.93 0.37 -4.70
N ARG A 14 2.34 0.38 -3.43
CA ARG A 14 1.87 -0.60 -2.47
C ARG A 14 0.40 -0.36 -2.13
C MK8 A 15 -2.33 0.23 -2.80
N MK8 A 15 -0.10 0.92 -2.24
O MK8 A 15 -3.00 -0.60 -2.23
CA MK8 A 15 -1.55 1.26 -2.02
CB MK8 A 15 -2.01 2.66 -2.58
CD MK8 A 15 -4.67 2.25 -2.73
CE MK8 A 15 -4.78 2.16 -4.24
CG MK8 A 15 -3.47 3.11 -2.23
CB1 MK8 A 15 -1.83 1.25 -0.50
H MK8 A 15 0.47 1.63 -2.65
HB MK8 A 15 -1.33 3.42 -2.22
HBA MK8 A 15 -1.92 2.69 -3.68
HD MK8 A 15 -4.66 1.28 -2.25
HDA MK8 A 15 -5.58 2.74 -2.36
HE MK8 A 15 -4.21 2.92 -4.76
HG MK8 A 15 -3.56 3.23 -1.15
HGA MK8 A 15 -3.60 4.12 -2.63
HB1 MK8 A 15 -2.89 1.19 -0.28
HB1A MK8 A 15 -1.33 0.41 -0.01
HB1B MK8 A 15 -1.44 2.16 -0.03
N ALA A 16 -2.01 0.17 -4.13
CA ALA A 16 -2.63 -0.74 -5.08
C ALA A 16 -2.60 -2.17 -4.57
N TYR A 17 -1.44 -2.59 -4.07
CA TYR A 17 -1.28 -3.94 -3.55
C TYR A 17 -2.19 -4.19 -2.36
N SER A 18 -2.19 -3.25 -1.42
CA SER A 18 -3.01 -3.37 -0.22
C SER A 18 -4.48 -3.54 -0.58
C MK8 A 19 -6.53 -4.55 -2.55
N MK8 A 19 -4.95 -2.89 -1.68
O MK8 A 19 -7.52 -5.14 -2.19
CA MK8 A 19 -6.31 -3.05 -2.25
CB MK8 A 19 -6.54 -2.22 -3.55
CD MK8 A 19 -6.43 0.16 -4.65
CE MK8 A 19 -5.50 1.33 -5.00
CG MK8 A 19 -6.02 -0.74 -3.47
CB1 MK8 A 19 -7.37 -2.53 -1.24
H MK8 A 19 -4.29 -2.39 -2.25
HB MK8 A 19 -6.06 -2.70 -4.40
HBA MK8 A 19 -7.60 -2.21 -3.79
HD MK8 A 19 -6.46 -0.49 -5.54
HDA MK8 A 19 -7.45 0.51 -4.53
HE MK8 A 19 -5.42 1.48 -6.07
HG MK8 A 19 -6.35 -0.26 -2.54
HGA MK8 A 19 -4.95 -0.79 -3.45
HB1 MK8 A 19 -7.19 -1.48 -0.97
HB1A MK8 A 19 -8.39 -2.61 -1.65
HB1B MK8 A 19 -7.35 -3.08 -0.31
N LEU A 20 -5.50 -5.22 -3.12
CA LEU A 20 -5.45 -6.63 -3.46
C LEU A 20 -5.67 -7.49 -2.22
N GLY A 21 -4.88 -7.24 -1.18
CA GLY A 21 -5.02 -8.00 0.05
C GLY A 21 -6.29 -7.66 0.82
N LEU A 22 -7.01 -6.65 0.33
CA LEU A 22 -8.26 -6.24 0.97
C LEU A 22 -9.40 -6.19 -0.04
N LYS A 23 -9.36 -7.09 -1.02
CA LYS A 23 -10.40 -7.14 -2.05
C LYS A 23 -10.67 -8.59 -2.46
N ASP A 24 -9.60 -9.34 -2.71
CA ASP A 24 -9.73 -10.74 -3.12
C ASP A 24 -9.99 -11.62 -1.91
N GLN A 25 -9.49 -11.21 -0.76
CA GLN A 25 -9.67 -11.97 0.47
C GLN A 25 -11.11 -11.84 0.99
N VAL A 26 -11.60 -10.62 1.04
CA VAL A 26 -12.97 -10.36 1.52
C VAL A 26 -13.99 -11.09 0.65
N NH2 A 27 -14.12 -10.67 -0.59
HN1 NH2 A 27 -13.55 -9.90 -0.91
HN2 NH2 A 27 -14.78 -11.10 -1.21
C ACE A 1 -14.29 17.24 3.03
O ACE A 1 -13.12 17.40 3.37
CH3 ACE A 1 -15.13 18.36 2.52
H1 ACE A 1 -16.19 18.10 2.64
H2 ACE A 1 -14.92 19.26 3.09
H3 ACE A 1 -14.92 18.53 1.47
N LYS A 2 -14.90 16.06 3.07
CA LYS A 2 -14.21 14.86 3.54
C LYS A 2 -15.07 13.62 3.33
N ARG A 3 -15.50 13.39 2.10
CA ARG A 3 -16.33 12.25 1.77
C ARG A 3 -15.53 11.19 0.99
N ILE A 4 -14.87 11.64 -0.07
CA ILE A 4 -14.06 10.74 -0.90
C ILE A 4 -12.58 10.85 -0.55
N GLY A 5 -12.07 9.83 0.12
CA GLY A 5 -10.67 9.82 0.51
C GLY A 5 -10.37 8.85 1.62
N VAL A 6 -9.92 9.37 2.77
CA VAL A 6 -9.60 8.53 3.92
C VAL A 6 -8.53 7.50 3.58
N ARG A 7 -7.29 7.96 3.46
CA ARG A 7 -6.17 7.08 3.13
C ARG A 7 -4.87 7.60 3.72
N LEU A 8 -3.88 6.72 3.83
CA LEU A 8 -2.59 7.09 4.38
C LEU A 8 -1.96 8.23 3.58
N PRO A 9 -1.00 8.93 4.19
CA PRO A 9 -0.30 10.05 3.55
C PRO A 9 0.61 9.59 2.41
N GLY A 10 0.03 9.38 1.24
CA GLY A 10 0.80 8.95 0.10
C GLY A 10 0.93 7.44 0.02
N HIS A 11 2.17 6.96 0.02
CA HIS A 11 2.43 5.52 -0.04
C HIS A 11 1.82 4.92 -1.31
N GLN A 12 2.34 5.31 -2.47
CA GLN A 12 1.84 4.81 -3.73
C GLN A 12 2.39 3.41 -4.03
N LYS A 13 2.00 2.86 -5.16
CA LYS A 13 2.45 1.53 -5.55
C LYS A 13 1.85 0.45 -4.66
N ARG A 14 2.37 0.35 -3.43
CA ARG A 14 1.88 -0.64 -2.48
C ARG A 14 0.41 -0.38 -2.14
C MK8 A 15 -2.30 0.21 -2.82
N MK8 A 15 -0.08 0.89 -2.24
O MK8 A 15 -3.02 -0.59 -2.25
CA MK8 A 15 -1.51 1.25 -2.06
CB MK8 A 15 -1.92 2.64 -2.66
CD MK8 A 15 -4.60 2.29 -2.82
CE MK8 A 15 -4.72 2.14 -4.33
CG MK8 A 15 -3.38 3.15 -2.36
CB1 MK8 A 15 -1.82 1.26 -0.54
H MK8 A 15 0.55 1.63 -2.52
HB MK8 A 15 -1.24 3.40 -2.26
HBA MK8 A 15 -1.75 2.67 -3.74
HD MK8 A 15 -4.61 1.33 -2.31
HDA MK8 A 15 -5.50 2.81 -2.46
HE MK8 A 15 -4.11 2.86 -4.89
HG MK8 A 15 -3.47 3.33 -1.28
HGA MK8 A 15 -3.47 4.14 -2.82
HB1 MK8 A 15 -1.34 2.11 -0.05
HB1A MK8 A 15 -2.90 1.31 -0.35
HB1B MK8 A 15 -1.45 0.36 -0.05
N ALA A 16 -1.99 0.14 -4.15
CA ALA A 16 -2.61 -0.78 -5.10
C ALA A 16 -2.58 -2.20 -4.58
N TYR A 17 -1.44 -2.63 -4.07
CA TYR A 17 -1.28 -3.98 -3.54
C TYR A 17 -2.19 -4.21 -2.35
N SER A 18 -2.18 -3.25 -1.41
CA SER A 18 -3.01 -3.36 -0.21
C SER A 18 -4.48 -3.54 -0.58
C MK8 A 19 -6.53 -4.54 -2.55
N MK8 A 19 -4.94 -2.89 -1.68
O MK8 A 19 -7.53 -5.11 -2.20
CA MK8 A 19 -6.30 -3.04 -2.25
CB MK8 A 19 -6.51 -2.19 -3.56
CD MK8 A 19 -6.42 0.17 -4.67
CE MK8 A 19 -5.47 1.31 -5.05
CG MK8 A 19 -5.99 -0.72 -3.48
CB1 MK8 A 19 -7.36 -2.51 -1.24
H MK8 A 19 -4.26 -2.42 -2.26
HB MK8 A 19 -6.04 -2.70 -4.40
HBA MK8 A 19 -7.58 -2.19 -3.80
HD MK8 A 19 -6.51 -0.48 -5.54
HDA MK8 A 19 -7.43 0.56 -4.50
HE MK8 A 19 -5.38 1.41 -6.14
HG MK8 A 19 -6.28 -0.24 -2.55
HGA MK8 A 19 -4.92 -0.79 -3.52
HB1 MK8 A 19 -8.37 -2.58 -1.65
HB1A MK8 A 19 -7.34 -3.08 -0.32
HB1B MK8 A 19 -7.18 -1.48 -0.96
N LEU A 20 -5.50 -5.21 -3.13
CA LEU A 20 -5.45 -6.63 -3.46
C LEU A 20 -5.67 -7.49 -2.22
N GLY A 21 -4.89 -7.23 -1.17
CA GLY A 21 -5.02 -7.99 0.06
C GLY A 21 -6.29 -7.65 0.81
N LEU A 22 -7.01 -6.65 0.33
CA LEU A 22 -8.27 -6.23 0.97
C LEU A 22 -9.40 -6.17 -0.04
N LYS A 23 -9.37 -7.07 -1.01
CA LYS A 23 -10.40 -7.13 -2.05
C LYS A 23 -10.55 -8.55 -2.58
N ASP A 24 -9.42 -9.20 -2.85
CA ASP A 24 -9.42 -10.56 -3.37
C ASP A 24 -9.33 -11.58 -2.24
N GLN A 25 -8.65 -11.20 -1.17
CA GLN A 25 -8.48 -12.08 -0.02
C GLN A 25 -9.81 -12.27 0.72
N VAL A 26 -10.59 -11.20 0.80
CA VAL A 26 -11.89 -11.26 1.46
C VAL A 26 -12.74 -12.39 0.92
N NH2 A 27 -13.52 -13.01 1.79
HN1 NH2 A 27 -13.52 -12.73 2.76
HN2 NH2 A 27 -14.11 -13.77 1.50
C ACE A 1 -10.50 -11.41 15.64
O ACE A 1 -10.48 -12.14 14.64
CH3 ACE A 1 -11.30 -11.75 16.84
H1 ACE A 1 -12.32 -11.40 16.72
H2 ACE A 1 -11.31 -12.84 16.98
H3 ACE A 1 -10.85 -11.28 17.72
N LYS A 2 -9.82 -10.28 15.71
CA LYS A 2 -8.99 -9.80 14.61
C LYS A 2 -8.27 -8.51 14.98
N ARG A 3 -6.94 -8.58 15.08
CA ARG A 3 -6.14 -7.42 15.43
C ARG A 3 -6.28 -6.32 14.38
N ILE A 4 -5.85 -5.12 14.73
CA ILE A 4 -5.92 -3.99 13.81
C ILE A 4 -4.99 -2.86 14.25
N GLY A 5 -4.22 -2.34 13.31
CA GLY A 5 -3.29 -1.26 13.61
C GLY A 5 -2.18 -1.15 12.60
N VAL A 6 -2.49 -0.62 11.43
CA VAL A 6 -1.50 -0.46 10.37
C VAL A 6 -1.23 1.02 10.08
N ARG A 7 0.05 1.36 9.94
CA ARG A 7 0.44 2.75 9.66
C ARG A 7 1.73 2.79 8.84
N LEU A 8 1.58 3.09 7.55
CA LEU A 8 2.73 3.18 6.65
C LEU A 8 3.19 4.62 6.49
N PRO A 9 4.45 4.79 6.04
CA PRO A 9 5.04 6.11 5.83
C PRO A 9 4.41 6.85 4.65
N GLY A 10 4.06 6.10 3.60
CA GLY A 10 3.45 6.70 2.44
C GLY A 10 3.91 6.05 1.14
N HIS A 11 3.27 4.94 0.78
CA HIS A 11 3.62 4.22 -0.45
C HIS A 11 2.56 4.44 -1.52
N GLN A 12 3.01 4.50 -2.77
CA GLN A 12 2.10 4.71 -3.90
C GLN A 12 1.88 3.40 -4.66
N LYS A 13 2.88 2.53 -4.62
CA LYS A 13 2.79 1.24 -5.32
C LYS A 13 2.09 0.20 -4.44
N ARG A 14 2.35 0.26 -3.14
CA ARG A 14 1.75 -0.68 -2.20
C ARG A 14 0.28 -0.34 -1.97
C MK8 A 15 -2.47 0.24 -3.02
N MK8 A 15 -0.21 0.87 -2.36
O MK8 A 15 -3.25 -0.49 -2.46
CA MK8 A 15 -1.64 1.29 -2.27
CB MK8 A 15 -1.91 2.69 -2.93
CD MK8 A 15 -4.53 2.69 -2.52
CE MK8 A 15 -5.89 2.93 -3.15
CG MK8 A 15 -3.36 2.99 -3.48
CB1 MK8 A 15 -2.01 1.44 -0.75
H MK8 A 15 0.41 1.50 -2.86
HB MK8 A 15 -1.62 3.49 -2.24
HBA MK8 A 15 -1.22 2.81 -3.78
HD MK8 A 15 -4.51 1.67 -2.17
HDA MK8 A 15 -4.44 3.33 -1.63
HE MK8 A 15 -6.28 3.94 -3.05
HG MK8 A 15 -3.39 4.03 -3.77
HGA MK8 A 15 -3.51 2.43 -4.40
HB1 MK8 A 15 -1.79 0.53 -0.18
HB1A MK8 A 15 -1.41 2.24 -0.29
HB1B MK8 A 15 -3.04 1.67 -0.58
N ALA A 16 -2.21 0.15 -4.34
CA ALA A 16 -2.85 -0.79 -5.25
C ALA A 16 -2.78 -2.22 -4.69
N TYR A 17 -1.59 -2.62 -4.28
CA TYR A 17 -1.39 -3.96 -3.73
C TYR A 17 -2.22 -4.16 -2.46
N SER A 18 -2.21 -3.15 -1.59
CA SER A 18 -2.96 -3.21 -0.33
C SER A 18 -4.45 -3.43 -0.61
C MK8 A 19 -6.61 -4.40 -2.51
N MK8 A 19 -5.01 -2.76 -1.65
O MK8 A 19 -7.58 -5.03 -2.16
CA MK8 A 19 -6.39 -2.91 -2.12
CB MK8 A 19 -6.66 -1.93 -3.30
CD MK8 A 19 -6.32 0.55 -4.04
CE MK8 A 19 -6.66 2.01 -3.74
CG MK8 A 19 -6.68 -0.41 -2.88
CB1 MK8 A 19 -7.41 -2.52 -1.00
H MK8 A 19 -4.39 -2.21 -2.23
HB MK8 A 19 -5.92 -2.07 -4.08
HBA MK8 A 19 -7.63 -2.16 -3.76
HD MK8 A 19 -5.25 0.49 -4.22
HDA MK8 A 19 -6.83 0.25 -4.95
HE MK8 A 19 -7.64 2.32 -4.12
HG MK8 A 19 -7.67 -0.17 -2.50
HGA MK8 A 19 -5.97 -0.24 -2.06
HB1 MK8 A 19 -8.43 -2.47 -1.40
HB1A MK8 A 19 -7.41 -3.25 -0.21
HB1B MK8 A 19 -7.17 -1.56 -0.54
N LEU A 20 -5.59 -5.04 -3.12
CA LEU A 20 -5.51 -6.44 -3.52
C LEU A 20 -5.64 -7.36 -2.31
N GLY A 21 -4.82 -7.12 -1.29
CA GLY A 21 -4.88 -7.93 -0.10
C GLY A 21 -6.11 -7.65 0.74
N LEU A 22 -6.89 -6.67 0.33
CA LEU A 22 -8.11 -6.31 1.04
C LEU A 22 -9.32 -6.34 0.11
N LYS A 23 -9.24 -7.16 -0.93
CA LYS A 23 -10.33 -7.28 -1.89
C LYS A 23 -10.74 -8.75 -2.06
N ASP A 24 -9.74 -9.63 -2.14
CA ASP A 24 -10.01 -11.06 -2.30
C ASP A 24 -10.18 -11.73 -0.95
N GLN A 25 -9.51 -11.19 0.06
CA GLN A 25 -9.59 -11.75 1.41
C GLN A 25 -10.87 -11.30 2.10
N VAL A 26 -11.32 -10.09 1.80
CA VAL A 26 -12.53 -9.54 2.39
C VAL A 26 -13.72 -10.47 2.17
N NH2 A 27 -14.56 -10.62 3.19
HN1 NH2 A 27 -14.38 -10.13 4.04
HN2 NH2 A 27 -15.35 -11.22 3.09
C ACE A 1 18.34 3.66 -6.66
O ACE A 1 18.03 4.78 -7.08
CH3 ACE A 1 18.54 3.38 -5.21
H1 ACE A 1 19.31 4.05 -4.82
H2 ACE A 1 17.60 3.55 -4.69
H3 ACE A 1 18.85 2.34 -5.08
N LYS A 2 18.53 2.62 -7.47
CA LYS A 2 18.38 2.72 -8.91
C LYS A 2 17.26 1.82 -9.41
N ARG A 3 17.38 0.53 -9.14
CA ARG A 3 16.38 -0.44 -9.55
C ARG A 3 15.33 -0.66 -8.46
N ILE A 4 15.80 -1.13 -7.29
CA ILE A 4 14.91 -1.37 -6.17
C ILE A 4 15.71 -1.66 -4.90
N GLY A 5 15.19 -1.20 -3.76
CA GLY A 5 15.87 -1.42 -2.50
C GLY A 5 15.28 -2.59 -1.73
N VAL A 6 14.72 -2.32 -0.55
CA VAL A 6 14.13 -3.36 0.28
C VAL A 6 12.69 -3.02 0.64
N ARG A 7 11.77 -3.34 -0.26
CA ARG A 7 10.36 -3.07 -0.04
C ARG A 7 10.12 -1.58 0.21
N LEU A 8 9.80 -0.85 -0.85
CA LEU A 8 9.55 0.59 -0.73
C LEU A 8 8.53 0.87 0.36
N PRO A 9 8.56 2.12 0.88
CA PRO A 9 7.64 2.55 1.94
C PRO A 9 6.20 2.68 1.44
N GLY A 10 6.04 3.26 0.27
CA GLY A 10 4.71 3.44 -0.30
C GLY A 10 4.75 4.00 -1.71
N HIS A 11 5.00 5.29 -1.83
CA HIS A 11 5.06 5.95 -3.13
C HIS A 11 3.80 5.66 -3.94
N GLN A 12 2.68 5.46 -3.25
CA GLN A 12 1.41 5.17 -3.90
C GLN A 12 1.53 3.95 -4.80
N LYS A 13 2.45 3.05 -4.45
CA LYS A 13 2.66 1.83 -5.22
C LYS A 13 2.06 0.62 -4.51
N ARG A 14 2.32 0.52 -3.21
CA ARG A 14 1.80 -0.59 -2.41
C ARG A 14 0.32 -0.40 -2.12
C MK8 A 15 -2.47 0.05 -3.05
N MK8 A 15 -0.24 0.81 -2.40
O MK8 A 15 -3.26 -0.68 -2.50
CA MK8 A 15 -1.69 1.14 -2.31
CB MK8 A 15 -1.98 2.52 -2.99
CD MK8 A 15 -4.29 2.50 -4.24
CE MK8 A 15 -5.78 2.70 -4.04
CG MK8 A 15 -3.48 2.97 -3.01
CB1 MK8 A 15 -2.08 1.25 -0.81
H MK8 A 15 0.34 1.48 -2.86
HB MK8 A 15 -1.41 3.28 -2.45
HBA MK8 A 15 -1.59 2.53 -4.02
HD MK8 A 15 -3.97 3.07 -5.12
HDA MK8 A 15 -4.10 1.45 -4.46
HE MK8 A 15 -6.07 3.72 -3.82
HG MK8 A 15 -3.99 2.65 -2.10
HGA MK8 A 15 -3.51 4.06 -3.00
HB1 MK8 A 15 -3.16 1.24 -0.67
HB1A MK8 A 15 -1.67 0.42 -0.23
HB1B MK8 A 15 -1.68 2.17 -0.37
N ALA A 16 -2.12 -0.09 -4.35
CA ALA A 16 -2.67 -1.05 -5.29
C ALA A 16 -2.65 -2.46 -4.72
N TYR A 17 -1.46 -2.88 -4.26
CA TYR A 17 -1.30 -4.21 -3.68
C TYR A 17 -2.13 -4.37 -2.42
N SER A 18 -2.12 -3.33 -1.58
CA SER A 18 -2.86 -3.34 -0.33
C SER A 18 -4.35 -3.51 -0.59
C MK8 A 19 -6.54 -4.46 -2.42
N MK8 A 19 -4.89 -2.84 -1.64
O MK8 A 19 -7.49 -5.06 -2.01
CA MK8 A 19 -6.30 -2.98 -2.09
CB MK8 A 19 -6.58 -2.10 -3.36
CD MK8 A 19 -6.59 0.28 -4.39
CE MK8 A 19 -6.74 1.76 -4.08
CG MK8 A 19 -6.58 -0.56 -3.09
CB1 MK8 A 19 -7.27 -2.50 -0.99
H MK8 A 19 -4.27 -2.34 -2.25
HB MK8 A 19 -5.84 -2.32 -4.14
HBA MK8 A 19 -7.54 -2.38 -3.78
HD MK8 A 19 -5.69 0.08 -4.97
HDA MK8 A 19 -7.43 -0.03 -5.01
HE MK8 A 19 -7.77 2.08 -3.90
HG MK8 A 19 -7.47 -0.30 -2.53
HGA MK8 A 19 -5.73 -0.28 -2.49
HB1 MK8 A 19 -8.31 -2.50 -1.36
HB1A MK8 A 19 -7.24 -3.15 -0.13
HB1B MK8 A 19 -7.03 -1.49 -0.63
N LEU A 20 -5.54 -5.12 -3.07
CA LEU A 20 -5.51 -6.53 -3.45
C LEU A 20 -5.71 -7.43 -2.23
N GLY A 21 -4.89 -7.20 -1.20
CA GLY A 21 -5.01 -8.00 0.01
C GLY A 21 -6.25 -7.68 0.80
N LEU A 22 -6.99 -6.66 0.37
CA LEU A 22 -8.21 -6.25 1.05
C LEU A 22 -9.37 -6.13 0.07
N LYS A 23 -9.38 -7.00 -0.93
CA LYS A 23 -10.44 -7.00 -1.94
C LYS A 23 -10.97 -8.40 -2.19
N ASP A 24 -10.08 -9.31 -2.54
CA ASP A 24 -10.46 -10.70 -2.79
C ASP A 24 -10.83 -11.41 -1.50
N GLN A 25 -10.20 -11.00 -0.40
CA GLN A 25 -10.46 -11.60 0.91
C GLN A 25 -11.89 -11.32 1.35
N VAL A 26 -12.32 -10.07 1.22
CA VAL A 26 -13.66 -9.68 1.60
C VAL A 26 -14.64 -9.82 0.45
N NH2 A 27 -14.47 -8.99 -0.57
HN1 NH2 A 27 -13.73 -8.32 -0.55
HN2 NH2 A 27 -15.08 -9.04 -1.37
C ACE A 1 22.54 5.55 6.22
O ACE A 1 23.17 6.01 5.26
CH3 ACE A 1 22.30 6.35 7.45
H1 ACE A 1 23.20 6.91 7.71
H2 ACE A 1 21.46 7.04 7.28
H3 ACE A 1 22.04 5.68 8.28
N LYS A 2 22.02 4.32 6.24
CA LYS A 2 22.18 3.42 5.09
C LYS A 2 21.65 4.06 3.82
N ARG A 3 20.41 4.54 3.87
CA ARG A 3 19.79 5.18 2.71
C ARG A 3 19.97 6.69 2.76
N ILE A 4 19.64 7.36 1.67
CA ILE A 4 19.76 8.81 1.58
C ILE A 4 18.46 9.45 1.12
N GLY A 5 17.79 10.13 2.05
CA GLY A 5 16.54 10.79 1.72
C GLY A 5 16.06 11.71 2.82
N VAL A 6 15.59 12.89 2.44
CA VAL A 6 15.10 13.88 3.41
C VAL A 6 13.59 14.02 3.33
N ARG A 7 12.88 13.16 4.04
CA ARG A 7 11.42 13.18 4.05
C ARG A 7 10.86 12.96 2.64
N LEU A 8 11.09 11.77 2.11
CA LEU A 8 10.61 11.42 0.78
C LEU A 8 9.12 11.72 0.64
N PRO A 9 8.67 11.90 -0.61
CA PRO A 9 7.26 12.19 -0.91
C PRO A 9 6.35 11.00 -0.64
N GLY A 10 5.04 11.24 -0.71
CA GLY A 10 4.09 10.18 -0.48
C GLY A 10 3.84 9.32 -1.70
N HIS A 11 4.16 8.03 -1.59
CA HIS A 11 3.98 7.11 -2.71
C HIS A 11 2.65 6.36 -2.59
N GLN A 12 2.28 5.65 -3.65
CA GLN A 12 1.03 4.89 -3.66
C GLN A 12 1.17 3.62 -4.47
N LYS A 13 2.39 3.07 -4.50
CA LYS A 13 2.66 1.85 -5.24
C LYS A 13 2.06 0.64 -4.54
N ARG A 14 2.34 0.52 -3.24
CA ARG A 14 1.83 -0.59 -2.45
C ARG A 14 0.34 -0.42 -2.15
C MK8 A 15 -2.47 0.03 -3.06
N MK8 A 15 -0.24 0.79 -2.42
O MK8 A 15 -3.28 -0.70 -2.54
CA MK8 A 15 -1.70 1.10 -2.28
CB MK8 A 15 -2.09 2.48 -2.91
CD MK8 A 15 -4.36 2.48 -4.16
CE MK8 A 15 -5.86 2.67 -4.00
CG MK8 A 15 -3.60 2.85 -2.86
CB1 MK8 A 15 -2.06 1.16 -0.77
H MK8 A 15 0.32 1.49 -2.90
HB MK8 A 15 -1.52 3.27 -2.39
HBA MK8 A 15 -1.78 2.52 -3.95
HD MK8 A 15 -4.01 3.11 -4.97
HDA MK8 A 15 -4.15 1.46 -4.45
HE MK8 A 15 -6.17 3.69 -3.79
HG MK8 A 15 -4.10 2.38 -2.01
HGA MK8 A 15 -3.69 3.93 -2.73
HB1 MK8 A 15 -1.76 2.12 -0.35
HB1A MK8 A 15 -3.13 1.04 -0.60
HB1B MK8 A 15 -1.54 0.40 -0.20
N ALA A 16 -2.11 -0.09 -4.36
CA ALA A 16 -2.65 -1.05 -5.30
C ALA A 16 -2.63 -2.47 -4.73
N TYR A 17 -1.47 -2.87 -4.23
CA TYR A 17 -1.31 -4.20 -3.64
C TYR A 17 -2.15 -4.35 -2.39
N SER A 18 -2.12 -3.33 -1.54
CA SER A 18 -2.88 -3.34 -0.29
C SER A 18 -4.38 -3.50 -0.57
C MK8 A 19 -6.52 -4.47 -2.39
N MK8 A 19 -4.90 -2.83 -1.62
O MK8 A 19 -7.43 -5.09 -1.92
CA MK8 A 19 -6.30 -2.98 -2.08
CB MK8 A 19 -6.56 -2.12 -3.37
CD MK8 A 19 -6.62 0.25 -4.41
CE MK8 A 19 -6.81 1.72 -4.11
CG MK8 A 19 -6.61 -0.58 -3.11
CB1 MK8 A 19 -7.30 -2.49 -1.00
H MK8 A 19 -4.27 -2.33 -2.22
HB MK8 A 19 -5.80 -2.35 -4.12
HBA MK8 A 19 -7.52 -2.42 -3.79
HD MK8 A 19 -5.71 0.06 -4.99
HDA MK8 A 19 -7.46 -0.08 -5.04
HE MK8 A 19 -7.84 2.03 -3.96
HG MK8 A 19 -7.51 -0.34 -2.56
HGA MK8 A 19 -5.75 -0.27 -2.51
HB1 MK8 A 19 -7.06 -1.48 -0.64
HB1A MK8 A 19 -8.33 -2.50 -1.37
HB1B MK8 A 19 -7.26 -3.13 -0.12
N LEU A 20 -5.54 -5.11 -3.06
CA LEU A 20 -5.50 -6.52 -3.45
C LEU A 20 -5.71 -7.41 -2.24
N GLY A 21 -4.90 -7.19 -1.20
CA GLY A 21 -5.01 -7.99 0.00
C GLY A 21 -6.26 -7.67 0.80
N LEU A 22 -6.99 -6.66 0.36
CA LEU A 22 -8.22 -6.26 1.04
C LEU A 22 -9.37 -6.13 0.05
N LYS A 23 -9.38 -7.00 -0.95
CA LYS A 23 -10.43 -7.00 -1.96
C LYS A 23 -11.01 -8.39 -2.14
N ASP A 24 -10.16 -9.35 -2.50
CA ASP A 24 -10.60 -10.72 -2.70
C ASP A 24 -11.30 -11.27 -1.46
N GLN A 25 -10.79 -10.89 -0.30
CA GLN A 25 -11.37 -11.34 0.98
C GLN A 25 -12.76 -10.74 1.18
N VAL A 26 -12.89 -9.44 0.94
CA VAL A 26 -14.16 -8.75 1.09
C VAL A 26 -15.20 -9.31 0.13
N NH2 A 27 -16.36 -9.70 0.67
HN1 NH2 A 27 -16.49 -9.61 1.66
HN2 NH2 A 27 -17.08 -10.07 0.09
C ACE A 1 21.25 5.91 13.87
O ACE A 1 21.93 6.76 13.31
CH3 ACE A 1 21.37 5.64 15.32
H1 ACE A 1 20.39 5.37 15.73
H2 ACE A 1 22.06 4.81 15.48
H3 ACE A 1 21.73 6.53 15.84
N LYS A 2 20.35 5.17 13.23
CA LYS A 2 20.12 5.32 11.80
C LYS A 2 18.96 6.28 11.53
N ARG A 3 19.16 7.55 11.89
CA ARG A 3 18.13 8.56 11.70
C ARG A 3 18.30 9.25 10.34
N ILE A 4 18.29 8.45 9.28
CA ILE A 4 18.44 8.98 7.92
C ILE A 4 17.94 7.98 6.89
N GLY A 5 17.28 8.49 5.86
CA GLY A 5 16.76 7.62 4.82
C GLY A 5 15.48 8.16 4.19
N VAL A 6 15.48 8.30 2.86
CA VAL A 6 14.33 8.81 2.15
C VAL A 6 13.62 7.69 1.38
N ARG A 7 12.30 7.74 1.35
CA ARG A 7 11.51 6.75 0.65
C ARG A 7 11.71 6.86 -0.86
N LEU A 8 11.73 5.71 -1.53
CA LEU A 8 11.92 5.68 -2.98
C LEU A 8 10.80 6.44 -3.68
N PRO A 9 11.05 6.83 -4.94
CA PRO A 9 10.08 7.57 -5.76
C PRO A 9 8.90 6.71 -6.17
N GLY A 10 8.10 7.22 -7.10
CA GLY A 10 6.94 6.48 -7.58
C GLY A 10 6.00 6.10 -6.44
N HIS A 11 5.70 7.05 -5.58
CA HIS A 11 4.80 6.82 -4.45
C HIS A 11 3.45 6.31 -4.93
N GLN A 12 2.64 5.84 -3.99
CA GLN A 12 1.32 5.32 -4.32
C GLN A 12 1.41 4.12 -5.25
N LYS A 13 2.36 3.24 -4.98
CA LYS A 13 2.56 2.04 -5.78
C LYS A 13 2.06 0.80 -5.06
N ARG A 14 2.62 0.53 -3.89
CA ARG A 14 2.23 -0.63 -3.10
C ARG A 14 0.84 -0.42 -2.49
C MK8 A 15 -2.01 0.20 -2.67
N MK8 A 15 0.32 0.84 -2.47
O MK8 A 15 -2.72 -0.54 -2.01
CA MK8 A 15 -1.05 1.18 -2.01
CB MK8 A 15 -1.48 2.62 -2.46
CD MK8 A 15 -4.08 2.45 -1.82
CE MK8 A 15 -4.65 2.29 -3.22
CG MK8 A 15 -2.73 3.23 -1.77
CB1 MK8 A 15 -1.07 1.08 -0.45
H MK8 A 15 0.82 1.56 -2.95
HB MK8 A 15 -0.64 3.29 -2.25
HBA MK8 A 15 -1.61 2.65 -3.54
HD MK8 A 15 -3.99 1.50 -1.30
HDA MK8 A 15 -4.80 3.03 -1.24
HE MK8 A 15 -4.53 3.15 -3.87
HG MK8 A 15 -2.50 3.44 -0.72
HGA MK8 A 15 -2.90 4.22 -2.21
HB1 MK8 A 15 -0.43 1.85 -0.01
HB1A MK8 A 15 -2.08 1.21 -0.05
HB1B MK8 A 15 -0.71 0.11 -0.11
N ALA A 16 -1.87 0.07 -4.01
CA ALA A 16 -2.62 -0.83 -4.88
C ALA A 16 -2.60 -2.25 -4.33
N TYR A 17 -1.47 -2.64 -3.74
CA TYR A 17 -1.32 -3.97 -3.19
C TYR A 17 -2.30 -4.20 -2.04
N SER A 18 -2.38 -3.23 -1.13
CA SER A 18 -3.27 -3.32 0.01
C SER A 18 -4.72 -3.53 -0.43
C MK8 A 19 -6.60 -4.63 -2.47
N MK8 A 19 -5.14 -2.91 -1.57
O MK8 A 19 -7.59 -5.26 -2.17
CA MK8 A 19 -6.47 -3.12 -2.19
CB MK8 A 19 -6.69 -2.39 -3.56
CD MK8 A 19 -5.62 -0.08 -2.99
CE MK8 A 19 -5.30 1.23 -3.70
CG MK8 A 19 -6.83 -0.84 -3.56
CB1 MK8 A 19 -7.60 -2.62 -1.25
H MK8 A 19 -4.45 -2.42 -2.13
HB MK8 A 19 -5.92 -2.67 -4.26
HBA MK8 A 19 -7.61 -2.78 -4.00
HD MK8 A 19 -5.73 0.06 -1.91
HDA MK8 A 19 -4.77 -0.75 -3.13
HE MK8 A 19 -5.65 1.28 -4.73
HG MK8 A 19 -6.97 -0.53 -4.61
HGA MK8 A 19 -7.74 -0.52 -3.04
HB1 MK8 A 19 -7.46 -1.57 -0.99
HB1A MK8 A 19 -8.58 -2.74 -1.72
HB1B MK8 A 19 -7.62 -3.17 -0.32
N LEU A 20 -5.54 -5.26 -3.03
CA LEU A 20 -5.42 -6.67 -3.35
C LEU A 20 -5.69 -7.54 -2.13
N GLY A 21 -4.99 -7.25 -1.03
CA GLY A 21 -5.18 -8.01 0.19
C GLY A 21 -6.51 -7.70 0.86
N LEU A 22 -7.24 -6.74 0.32
CA LEU A 22 -8.53 -6.35 0.88
C LEU A 22 -9.60 -6.32 -0.21
N LYS A 23 -9.48 -7.22 -1.18
CA LYS A 23 -10.43 -7.30 -2.27
C LYS A 23 -10.76 -8.75 -2.61
N ASP A 24 -9.71 -9.56 -2.75
CA ASP A 24 -9.88 -10.98 -3.07
C ASP A 24 -10.46 -11.74 -1.88
N GLN A 25 -10.21 -11.24 -0.68
CA GLN A 25 -10.71 -11.87 0.54
C GLN A 25 -12.17 -11.48 0.79
N VAL A 26 -12.53 -10.26 0.42
CA VAL A 26 -13.89 -9.77 0.60
C VAL A 26 -14.54 -9.44 -0.73
N NH2 A 27 -15.16 -10.44 -1.34
HN1 NH2 A 27 -15.18 -11.35 -0.92
HN2 NH2 A 27 -15.62 -10.28 -2.22
C ACE A 1 -13.98 15.94 2.45
O ACE A 1 -14.15 15.01 1.66
CH3 ACE A 1 -14.97 17.03 2.63
H1 ACE A 1 -14.53 17.98 2.32
H2 ACE A 1 -15.85 16.83 2.01
H3 ACE A 1 -15.26 17.10 3.67
N LYS A 2 -12.89 16.04 3.22
CA LYS A 2 -11.82 15.04 3.16
C LYS A 2 -11.33 14.86 1.74
N ARG A 3 -10.55 15.82 1.26
CA ARG A 3 -10.01 15.74 -0.09
C ARG A 3 -8.51 15.46 -0.07
N ILE A 4 -7.76 16.33 0.60
CA ILE A 4 -6.31 16.17 0.70
C ILE A 4 -5.67 16.09 -0.68
N GLY A 5 -5.39 17.25 -1.26
CA GLY A 5 -4.78 17.30 -2.57
C GLY A 5 -5.78 17.13 -3.69
N VAL A 6 -5.38 17.47 -4.91
CA VAL A 6 -6.25 17.34 -6.07
C VAL A 6 -5.88 16.14 -6.92
N ARG A 7 -4.60 16.04 -7.27
CA ARG A 7 -4.11 14.93 -8.08
C ARG A 7 -2.60 14.79 -7.96
N LEU A 8 -2.14 13.56 -7.83
CA LEU A 8 -0.70 13.29 -7.70
C LEU A 8 -0.19 12.51 -8.92
N PRO A 9 1.13 12.57 -9.14
CA PRO A 9 1.77 11.87 -10.26
C PRO A 9 1.78 10.36 -10.06
N GLY A 10 1.78 9.92 -8.81
CA GLY A 10 1.78 8.50 -8.52
C GLY A 10 2.52 8.17 -7.23
N HIS A 11 1.87 8.42 -6.10
CA HIS A 11 2.47 8.15 -4.80
C HIS A 11 1.72 7.03 -4.08
N GLN A 12 1.62 5.88 -4.73
CA GLN A 12 0.93 4.73 -4.15
C GLN A 12 1.81 3.49 -4.20
N LYS A 13 1.87 2.86 -5.38
CA LYS A 13 2.67 1.66 -5.56
C LYS A 13 2.12 0.49 -4.74
N ARG A 14 2.41 0.49 -3.45
CA ARG A 14 1.93 -0.56 -2.56
C ARG A 14 0.48 -0.32 -2.16
C MK8 A 15 -2.28 0.15 -2.84
N MK8 A 15 -0.06 0.92 -2.31
O MK8 A 15 -2.99 -0.66 -2.28
CA MK8 A 15 -1.51 1.19 -2.04
CB MK8 A 15 -2.04 2.57 -2.51
CD MK8 A 15 -4.70 2.14 -2.60
CE MK8 A 15 -4.82 2.13 -4.11
CG MK8 A 15 -3.49 2.99 -2.07
CB1 MK8 A 15 -1.76 1.14 -0.50
H MK8 A 15 0.49 1.65 -2.70
HB MK8 A 15 -1.35 3.35 -2.17
HBA MK8 A 15 -2.04 2.58 -3.60
HD MK8 A 15 -4.64 1.14 -2.19
HDA MK8 A 15 -5.60 2.59 -2.19
HE MK8 A 15 -4.28 2.94 -4.62
HG MK8 A 15 -3.55 3.03 -0.98
HGA MK8 A 15 -3.66 4.02 -2.39
HB1 MK8 A 15 -2.82 0.98 -0.27
HB1A MK8 A 15 -1.20 0.34 -0.01
HB1B MK8 A 15 -1.44 2.07 -0.03
N ALA A 16 -2.01 0.11 -4.19
CA ALA A 16 -2.66 -0.81 -5.11
C ALA A 16 -2.63 -2.24 -4.57
N TYR A 17 -1.47 -2.65 -4.07
CA TYR A 17 -1.32 -4.00 -3.53
C TYR A 17 -2.23 -4.21 -2.34
N SER A 18 -2.23 -3.26 -1.42
CA SER A 18 -3.06 -3.35 -0.21
C SER A 18 -4.53 -3.53 -0.59
C MK8 A 19 -6.56 -4.58 -2.50
N MK8 A 19 -5.01 -2.88 -1.68
O MK8 A 19 -7.50 -5.21 -2.10
CA MK8 A 19 -6.38 -3.08 -2.22
CB MK8 A 19 -6.61 -2.27 -3.54
CD MK8 A 19 -6.46 0.12 -4.60
CE MK8 A 19 -5.54 1.32 -4.91
CG MK8 A 19 -6.06 -0.81 -3.45
CB1 MK8 A 19 -7.46 -2.57 -1.21
H MK8 A 19 -4.36 -2.39 -2.26
HB MK8 A 19 -6.15 -2.78 -4.38
HBA MK8 A 19 -7.69 -2.24 -3.76
HD MK8 A 19 -6.51 -0.48 -5.51
HDA MK8 A 19 -7.48 0.50 -4.43
HE MK8 A 19 -5.49 1.51 -5.97
HG MK8 A 19 -6.35 -0.34 -2.52
HGA MK8 A 19 -4.98 -0.91 -3.47
HB1 MK8 A 19 -7.23 -2.79 -0.18
HB1A MK8 A 19 -7.59 -1.48 -1.27
HB1B MK8 A 19 -8.46 -3.01 -1.43
N LEU A 20 -5.54 -5.23 -3.13
CA LEU A 20 -5.47 -6.65 -3.46
C LEU A 20 -5.68 -7.51 -2.22
N GLY A 21 -4.91 -7.23 -1.17
CA GLY A 21 -5.03 -7.99 0.05
C GLY A 21 -6.30 -7.64 0.83
N LEU A 22 -7.03 -6.65 0.33
CA LEU A 22 -8.27 -6.22 0.97
C LEU A 22 -9.42 -6.19 -0.02
N LYS A 23 -9.39 -7.10 -0.99
CA LYS A 23 -10.43 -7.17 -2.01
C LYS A 23 -10.91 -8.60 -2.20
N ASP A 24 -9.98 -9.54 -2.17
CA ASP A 24 -10.31 -10.96 -2.33
C ASP A 24 -10.51 -11.62 -0.97
N GLN A 25 -9.83 -11.11 0.04
CA GLN A 25 -9.93 -11.66 1.39
C GLN A 25 -11.15 -11.09 2.12
N VAL A 26 -11.44 -9.82 1.86
CA VAL A 26 -12.57 -9.15 2.49
C VAL A 26 -13.87 -9.86 2.16
N NH2 A 27 -14.71 -10.04 3.18
HN1 NH2 A 27 -14.47 -9.71 4.09
HN2 NH2 A 27 -15.58 -10.51 3.03
C ACE A 1 9.27 17.44 12.34
O ACE A 1 10.28 17.20 11.67
CH3 ACE A 1 7.98 17.82 11.71
H1 ACE A 1 7.73 17.11 10.93
H2 ACE A 1 7.19 17.81 12.47
H3 ACE A 1 8.06 18.82 11.29
N LYS A 2 9.26 17.39 13.67
CA LYS A 2 10.44 17.04 14.44
C LYS A 2 10.88 15.60 14.13
N ARG A 3 9.99 14.65 14.41
CA ARG A 3 10.29 13.24 14.17
C ARG A 3 10.18 12.91 12.69
N ILE A 4 10.80 11.80 12.29
CA ILE A 4 10.77 11.38 10.89
C ILE A 4 9.94 10.11 10.72
N GLY A 5 10.13 9.16 11.63
CA GLY A 5 9.37 7.92 11.55
C GLY A 5 10.01 6.92 10.61
N VAL A 6 9.28 5.85 10.31
CA VAL A 6 9.76 4.81 9.41
C VAL A 6 8.78 4.55 8.27
N ARG A 7 8.16 5.62 7.79
CA ARG A 7 7.19 5.51 6.70
C ARG A 7 6.67 6.89 6.31
N LEU A 8 7.13 7.39 5.16
CA LEU A 8 6.71 8.70 4.68
C LEU A 8 5.30 8.62 4.09
N PRO A 9 4.63 9.78 4.02
CA PRO A 9 3.27 9.88 3.49
C PRO A 9 3.23 9.65 1.98
N GLY A 10 2.08 9.95 1.37
CA GLY A 10 1.92 9.76 -0.06
C GLY A 10 2.22 8.34 -0.50
N HIS A 11 1.64 7.37 0.21
CA HIS A 11 1.85 5.97 -0.10
C HIS A 11 1.41 5.66 -1.53
N GLN A 12 2.33 5.11 -2.32
CA GLN A 12 2.05 4.76 -3.71
C GLN A 12 2.55 3.38 -4.05
N LYS A 13 2.06 2.82 -5.15
CA LYS A 13 2.46 1.49 -5.59
C LYS A 13 1.87 0.41 -4.67
N ARG A 14 2.36 0.36 -3.43
CA ARG A 14 1.87 -0.61 -2.47
C ARG A 14 0.41 -0.37 -2.13
C MK8 A 15 -2.31 0.23 -2.81
N MK8 A 15 -0.07 0.91 -2.23
O MK8 A 15 -3.00 -0.58 -2.23
CA MK8 A 15 -1.50 1.27 -2.05
CB MK8 A 15 -1.89 2.67 -2.65
CD MK8 A 15 -4.57 2.31 -2.81
CE MK8 A 15 -4.70 2.15 -4.32
CG MK8 A 15 -3.35 3.18 -2.35
CB1 MK8 A 15 -1.83 1.27 -0.52
H MK8 A 15 0.54 1.62 -2.60
HB MK8 A 15 -1.21 3.41 -2.23
HBA MK8 A 15 -1.71 2.70 -3.72
HD MK8 A 15 -4.59 1.36 -2.29
HDA MK8 A 15 -5.47 2.84 -2.48
HE MK8 A 15 -4.08 2.84 -4.89
HG MK8 A 15 -3.45 3.36 -1.29
HGA MK8 A 15 -3.46 4.16 -2.83
HB1 MK8 A 15 -2.90 1.33 -0.34
HB1A MK8 A 15 -1.46 0.37 -0.04
HB1B MK8 A 15 -1.35 2.12 -0.04
N ALA A 16 -2.00 0.16 -4.13
CA ALA A 16 -2.62 -0.75 -5.08
C ALA A 16 -2.59 -2.18 -4.57
N TYR A 17 -1.44 -2.61 -4.07
CA TYR A 17 -1.27 -3.96 -3.55
C TYR A 17 -2.19 -4.20 -2.35
N SER A 18 -2.18 -3.25 -1.41
CA SER A 18 -3.01 -3.37 -0.22
C SER A 18 -4.48 -3.55 -0.59
C MK8 A 19 -6.52 -4.54 -2.54
N MK8 A 19 -4.94 -2.89 -1.68
O MK8 A 19 -7.48 -5.14 -2.12
CA MK8 A 19 -6.30 -3.05 -2.25
CB MK8 A 19 -6.51 -2.20 -3.55
CD MK8 A 19 -6.42 0.19 -4.63
CE MK8 A 19 -5.46 1.30 -5.04
CG MK8 A 19 -5.98 -0.73 -3.47
CB1 MK8 A 19 -7.37 -2.52 -1.24
H MK8 A 19 -4.27 -2.40 -2.25
HB MK8 A 19 -6.05 -2.70 -4.40
HBA MK8 A 19 -7.59 -2.17 -3.78
HD MK8 A 19 -6.55 -0.45 -5.51
HDA MK8 A 19 -7.41 0.60 -4.42
HE MK8 A 19 -5.38 1.40 -6.12
HG MK8 A 19 -6.25 -0.25 -2.52
HGA MK8 A 19 -4.91 -0.81 -3.51
HB1 MK8 A 19 -8.38 -2.62 -1.65
HB1A MK8 A 19 -7.34 -3.07 -0.32
HB1B MK8 A 19 -7.21 -1.47 -0.99
N LEU A 20 -5.50 -5.22 -3.12
CA LEU A 20 -5.45 -6.64 -3.45
C LEU A 20 -5.67 -7.51 -2.21
N GLY A 21 -4.89 -7.24 -1.17
CA GLY A 21 -5.03 -7.99 0.06
C GLY A 21 -6.29 -7.65 0.81
N LEU A 22 -7.02 -6.66 0.33
CA LEU A 22 -8.27 -6.23 0.97
C LEU A 22 -9.40 -6.18 -0.05
N LYS A 23 -9.37 -7.08 -1.02
CA LYS A 23 -10.40 -7.14 -2.05
C LYS A 23 -10.98 -8.55 -2.16
N ASP A 24 -10.12 -9.55 -2.07
CA ASP A 24 -10.55 -10.94 -2.15
C ASP A 24 -10.99 -11.45 -0.79
N GLN A 25 -10.41 -10.90 0.27
CA GLN A 25 -10.74 -11.31 1.64
C GLN A 25 -11.94 -10.52 2.15
N VAL A 26 -11.99 -9.23 1.82
CA VAL A 26 -13.07 -8.37 2.25
C VAL A 26 -14.42 -8.91 1.80
N NH2 A 27 -14.42 -9.62 0.68
HN1 NH2 A 27 -13.56 -9.77 0.18
HN2 NH2 A 27 -15.27 -10.01 0.33
C ACE A 1 26.19 10.81 -1.63
O ACE A 1 25.33 11.14 -0.83
CH3 ACE A 1 27.60 10.53 -1.22
H1 ACE A 1 28.26 10.69 -2.06
H2 ACE A 1 27.87 11.20 -0.40
H3 ACE A 1 27.67 9.49 -0.89
N LYS A 2 25.95 10.67 -2.94
CA LYS A 2 24.63 10.91 -3.50
C LYS A 2 23.67 9.78 -3.13
N ARG A 3 24.09 8.55 -3.43
CA ARG A 3 23.27 7.38 -3.13
C ARG A 3 23.54 6.87 -1.72
N ILE A 4 22.82 7.42 -0.75
CA ILE A 4 22.98 7.02 0.64
C ILE A 4 22.07 5.85 0.99
N GLY A 5 20.97 5.72 0.26
CA GLY A 5 20.03 4.63 0.49
C GLY A 5 19.55 3.99 -0.79
N VAL A 6 19.71 2.68 -0.89
CA VAL A 6 19.29 1.93 -2.07
C VAL A 6 17.77 1.96 -2.22
N ARG A 7 17.30 1.91 -3.47
CA ARG A 7 15.88 1.94 -3.75
C ARG A 7 15.23 3.21 -3.19
N LEU A 8 13.94 3.37 -3.46
CA LEU A 8 13.20 4.54 -2.99
C LEU A 8 12.11 4.13 -2.02
N PRO A 9 11.66 5.10 -1.20
CA PRO A 9 10.60 4.87 -0.20
C PRO A 9 9.23 4.63 -0.85
N GLY A 10 8.21 4.55 -0.01
CA GLY A 10 6.86 4.34 -0.52
C GLY A 10 6.20 5.62 -1.00
N HIS A 11 5.21 5.48 -1.87
CA HIS A 11 4.50 6.64 -2.39
C HIS A 11 3.03 6.30 -2.66
N GLN A 12 2.80 5.54 -3.73
CA GLN A 12 1.44 5.15 -4.10
C GLN A 12 1.45 3.92 -4.99
N LYS A 13 2.50 3.11 -4.87
CA LYS A 13 2.64 1.90 -5.67
C LYS A 13 2.05 0.70 -4.93
N ARG A 14 2.55 0.44 -3.73
CA ARG A 14 2.08 -0.68 -2.93
C ARG A 14 0.67 -0.42 -2.41
C MK8 A 15 -2.16 0.22 -2.75
N MK8 A 15 0.17 0.85 -2.45
O MK8 A 15 -3.00 -0.41 -2.16
CA MK8 A 15 -1.23 1.23 -2.10
CB MK8 A 15 -1.63 2.64 -2.67
CD MK8 A 15 -4.04 2.64 -3.76
CE MK8 A 15 -5.52 2.82 -3.47
CG MK8 A 15 -3.15 3.00 -2.54
CB1 MK8 A 15 -1.37 1.25 -0.56
H MK8 A 15 0.73 1.56 -2.87
HB MK8 A 15 -1.05 3.40 -2.14
HBA MK8 A 15 -1.34 2.72 -3.72
HD MK8 A 15 -3.75 3.30 -4.59
HDA MK8 A 15 -3.86 1.63 -4.10
HE MK8 A 15 -5.78 3.80 -3.10
HG MK8 A 15 -3.58 2.54 -1.65
HGA MK8 A 15 -3.23 4.08 -2.38
HB1 MK8 A 15 -0.80 2.07 -0.13
HB1A MK8 A 15 -2.41 1.35 -0.24
HB1B MK8 A 15 -0.98 0.33 -0.12
N ALA A 16 -1.91 0.05 -4.08
CA ALA A 16 -2.64 -0.87 -4.93
C ALA A 16 -2.66 -2.27 -4.34
N TYR A 17 -1.50 -2.73 -3.88
CA TYR A 17 -1.38 -4.06 -3.30
C TYR A 17 -2.31 -4.22 -2.10
N SER A 18 -2.33 -3.21 -1.23
CA SER A 18 -3.18 -3.23 -0.05
C SER A 18 -4.64 -3.45 -0.44
C MK8 A 19 -6.61 -4.51 -2.47
N MK8 A 19 -5.08 -2.83 -1.55
O MK8 A 19 -7.52 -5.17 -2.04
CA MK8 A 19 -6.44 -3.01 -2.12
CB MK8 A 19 -6.64 -2.03 -3.34
CD MK8 A 19 -6.43 0.48 -4.11
CE MK8 A 19 -6.50 1.91 -3.60
CG MK8 A 19 -6.47 -0.52 -2.94
CB1 MK8 A 19 -7.53 -2.59 -1.09
H MK8 A 19 -4.42 -2.35 -2.13
HB MK8 A 19 -5.95 -2.28 -4.14
HBA MK8 A 19 -7.64 -2.18 -3.76
HD MK8 A 19 -5.54 0.31 -4.72
HDA MK8 A 19 -7.29 0.30 -4.76
HE MK8 A 19 -7.51 2.23 -3.34
HG MK8 A 19 -7.31 -0.23 -2.32
HGA MK8 A 19 -5.58 -0.38 -2.35
HB1 MK8 A 19 -7.60 -3.31 -0.29
HB1A MK8 A 19 -7.31 -1.63 -0.62
HB1B MK8 A 19 -8.52 -2.54 -1.55
N LEU A 20 -5.56 -5.16 -3.02
CA LEU A 20 -5.45 -6.57 -3.38
C LEU A 20 -5.69 -7.46 -2.17
N GLY A 21 -4.94 -7.22 -1.10
CA GLY A 21 -5.10 -8.00 0.11
C GLY A 21 -6.42 -7.74 0.81
N LEU A 22 -7.15 -6.75 0.33
CA LEU A 22 -8.44 -6.39 0.91
C LEU A 22 -9.53 -6.35 -0.15
N LYS A 23 -9.42 -7.23 -1.14
CA LYS A 23 -10.39 -7.29 -2.23
C LYS A 23 -10.75 -8.74 -2.54
N ASP A 24 -9.73 -9.60 -2.60
CA ASP A 24 -9.94 -11.02 -2.89
C ASP A 24 -10.46 -11.75 -1.66
N GLN A 25 -9.95 -11.38 -0.49
CA GLN A 25 -10.35 -12.00 0.76
C GLN A 25 -11.69 -11.44 1.24
N VAL A 26 -11.81 -10.12 1.23
CA VAL A 26 -13.03 -9.47 1.67
C VAL A 26 -14.21 -9.85 0.78
N NH2 A 27 -13.92 -10.14 -0.48
HN1 NH2 A 27 -12.98 -10.11 -0.79
HN2 NH2 A 27 -14.65 -10.41 -1.11
C ACE A 1 14.92 20.07 14.79
O ACE A 1 14.15 19.12 14.88
CH3 ACE A 1 16.08 20.25 15.69
H1 ACE A 1 16.83 19.50 15.47
H2 ACE A 1 16.51 21.24 15.54
H3 ACE A 1 15.75 20.15 16.73
N LYS A 2 14.76 21.03 13.87
CA LYS A 2 13.67 21.01 12.91
C LYS A 2 13.77 19.79 12.00
N ARG A 3 12.93 18.78 12.27
CA ARG A 3 12.93 17.56 11.47
C ARG A 3 12.30 17.81 10.10
N ILE A 4 13.11 17.68 9.06
CA ILE A 4 12.64 17.89 7.69
C ILE A 4 11.88 16.66 7.18
N GLY A 5 12.59 15.54 7.04
CA GLY A 5 11.96 14.33 6.57
C GLY A 5 12.40 13.11 7.34
N VAL A 6 11.45 12.24 7.67
CA VAL A 6 11.74 11.02 8.43
C VAL A 6 11.59 9.79 7.55
N ARG A 7 12.72 9.19 7.17
CA ARG A 7 12.72 8.01 6.33
C ARG A 7 12.06 8.29 4.98
N LEU A 8 12.16 7.34 4.07
CA LEU A 8 11.57 7.48 2.75
C LEU A 8 10.05 7.57 2.83
N PRO A 9 9.43 8.10 1.77
CA PRO A 9 7.97 8.25 1.70
C PRO A 9 7.26 6.91 1.57
N GLY A 10 5.93 6.95 1.50
CA GLY A 10 5.15 5.73 1.38
C GLY A 10 4.80 5.41 -0.06
N HIS A 11 4.88 6.41 -0.93
CA HIS A 11 4.57 6.22 -2.34
C HIS A 11 3.13 5.74 -2.52
N GLN A 12 2.71 5.61 -3.78
CA GLN A 12 1.36 5.15 -4.09
C GLN A 12 1.40 3.91 -4.98
N LYS A 13 2.46 3.14 -4.87
CA LYS A 13 2.62 1.92 -5.66
C LYS A 13 2.04 0.72 -4.94
N ARG A 14 2.55 0.46 -3.74
CA ARG A 14 2.08 -0.68 -2.95
C ARG A 14 0.67 -0.43 -2.43
C MK8 A 15 -2.16 0.21 -2.76
N MK8 A 15 0.17 0.85 -2.45
O MK8 A 15 -3.02 -0.40 -2.17
CA MK8 A 15 -1.23 1.22 -2.11
CB MK8 A 15 -1.62 2.63 -2.67
CD MK8 A 15 -4.02 2.64 -3.77
CE MK8 A 15 -5.50 2.82 -3.46
CG MK8 A 15 -3.13 3.01 -2.54
CB1 MK8 A 15 -1.36 1.24 -0.56
H MK8 A 15 0.75 1.57 -2.86
HB MK8 A 15 -1.02 3.39 -2.15
HBA MK8 A 15 -1.34 2.71 -3.73
HD MK8 A 15 -3.74 3.30 -4.60
HDA MK8 A 15 -3.85 1.63 -4.09
HE MK8 A 15 -5.76 3.81 -3.09
HG MK8 A 15 -3.56 2.56 -1.64
HGA MK8 A 15 -3.20 4.09 -2.39
HB1 MK8 A 15 -2.40 1.34 -0.24
HB1A MK8 A 15 -0.95 0.32 -0.12
HB1B MK8 A 15 -0.80 2.08 -0.13
N ALA A 16 -1.89 0.03 -4.07
CA ALA A 16 -2.62 -0.90 -4.93
C ALA A 16 -2.65 -2.30 -4.33
N TYR A 17 -1.49 -2.76 -3.87
CA TYR A 17 -1.37 -4.09 -3.28
C TYR A 17 -2.31 -4.23 -2.09
N SER A 18 -2.33 -3.22 -1.22
CA SER A 18 -3.18 -3.23 -0.04
C SER A 18 -4.63 -3.45 -0.42
C MK8 A 19 -6.62 -4.50 -2.49
N MK8 A 19 -5.09 -2.83 -1.54
O MK8 A 19 -7.57 -5.14 -2.12
CA MK8 A 19 -6.44 -3.00 -2.11
CB MK8 A 19 -6.64 -2.02 -3.33
CD MK8 A 19 -6.41 0.49 -4.10
CE MK8 A 19 -6.48 1.92 -3.59
CG MK8 A 19 -6.49 -0.52 -2.93
CB1 MK8 A 19 -7.53 -2.59 -1.09
H MK8 A 19 -4.41 -2.36 -2.13
HB MK8 A 19 -5.94 -2.26 -4.13
HBA MK8 A 19 -7.62 -2.18 -3.75
HD MK8 A 19 -5.51 0.31 -4.68
HDA MK8 A 19 -7.25 0.31 -4.77
HE MK8 A 19 -7.49 2.24 -3.32
HG MK8 A 19 -7.35 -0.23 -2.32
HGA MK8 A 19 -5.60 -0.38 -2.30
HB1 MK8 A 19 -8.52 -2.54 -1.55
HB1A MK8 A 19 -7.60 -3.32 -0.29
HB1B MK8 A 19 -7.31 -1.64 -0.60
N LEU A 20 -5.55 -5.15 -3.02
CA LEU A 20 -5.45 -6.57 -3.38
C LEU A 20 -5.69 -7.46 -2.17
N GLY A 21 -4.95 -7.21 -1.10
CA GLY A 21 -5.10 -8.01 0.11
C GLY A 21 -6.41 -7.74 0.80
N LEU A 22 -7.15 -6.75 0.33
CA LEU A 22 -8.44 -6.39 0.91
C LEU A 22 -9.53 -6.34 -0.16
N LYS A 23 -9.41 -7.22 -1.14
CA LYS A 23 -10.39 -7.28 -2.23
C LYS A 23 -10.91 -8.70 -2.42
N ASP A 24 -10.00 -9.67 -2.36
CA ASP A 24 -10.36 -11.07 -2.52
C ASP A 24 -10.69 -11.71 -1.17
N GLN A 25 -10.11 -11.17 -0.11
CA GLN A 25 -10.34 -11.67 1.23
C GLN A 25 -11.10 -10.66 2.09
N VAL A 26 -11.87 -9.80 1.42
CA VAL A 26 -12.64 -8.78 2.11
C VAL A 26 -13.86 -9.39 2.81
N NH2 A 27 -14.36 -10.48 2.27
HN1 NH2 A 27 -13.95 -10.85 1.43
HN2 NH2 A 27 -15.16 -10.92 2.67
C ACE A 1 10.60 10.11 19.87
O ACE A 1 10.01 10.82 20.70
CH3 ACE A 1 11.22 8.82 20.24
H1 ACE A 1 11.17 8.69 21.32
H2 ACE A 1 10.68 8.01 19.75
H3 ACE A 1 12.26 8.81 19.92
N LYS A 2 10.74 10.47 18.60
CA LYS A 2 10.18 11.72 18.08
C LYS A 2 9.11 11.44 17.03
N ARG A 3 8.44 10.30 17.16
CA ARG A 3 7.40 9.92 16.21
C ARG A 3 6.02 10.03 16.86
N ILE A 4 5.15 10.84 16.26
CA ILE A 4 3.81 11.04 16.78
C ILE A 4 2.76 10.87 15.67
N GLY A 5 1.97 9.81 15.76
CA GLY A 5 0.95 9.56 14.77
C GLY A 5 1.47 8.72 13.60
N VAL A 6 0.59 8.45 12.64
CA VAL A 6 0.96 7.67 11.47
C VAL A 6 1.63 8.54 10.41
N ARG A 7 2.85 8.16 10.04
CA ARG A 7 3.59 8.91 9.04
C ARG A 7 4.54 7.99 8.26
N LEU A 8 4.17 7.67 7.03
CA LEU A 8 4.99 6.80 6.20
C LEU A 8 5.78 7.61 5.18
N PRO A 9 6.85 7.00 4.63
CA PRO A 9 7.72 7.64 3.64
C PRO A 9 7.01 7.82 2.29
N GLY A 10 6.35 6.76 1.83
CA GLY A 10 5.64 6.83 0.56
C GLY A 10 5.52 5.48 -0.11
N HIS A 11 4.38 4.85 0.02
CA HIS A 11 4.14 3.54 -0.58
C HIS A 11 2.94 3.57 -1.51
N GLN A 12 2.85 4.61 -2.33
CA GLN A 12 1.74 4.77 -3.26
C GLN A 12 1.62 3.54 -4.15
N LYS A 13 2.75 2.94 -4.50
CA LYS A 13 2.76 1.76 -5.35
C LYS A 13 2.15 0.56 -4.63
N ARG A 14 2.43 0.45 -3.33
CA ARG A 14 1.90 -0.64 -2.53
C ARG A 14 0.44 -0.41 -2.18
C MK8 A 15 -2.38 0.11 -3.01
N MK8 A 15 -0.12 0.81 -2.44
O MK8 A 15 -3.20 -0.59 -2.46
CA MK8 A 15 -1.56 1.15 -2.25
CB MK8 A 15 -1.94 2.55 -2.85
CD MK8 A 15 -4.28 2.61 -3.98
CE MK8 A 15 -5.76 2.87 -3.77
CG MK8 A 15 -3.45 2.96 -2.73
CB1 MK8 A 15 -1.86 1.20 -0.72
H MK8 A 15 0.45 1.51 -2.87
HB MK8 A 15 -1.34 3.32 -2.36
HBA MK8 A 15 -1.70 2.58 -3.90
HD MK8 A 15 -3.93 3.22 -4.82
HDA MK8 A 15 -4.12 1.58 -4.27
HE MK8 A 15 -6.02 3.89 -3.53
HG MK8 A 15 -3.92 2.51 -1.85
HGA MK8 A 15 -3.51 4.04 -2.59
HB1 MK8 A 15 -1.50 2.14 -0.29
HB1A MK8 A 15 -2.93 1.13 -0.51
HB1B MK8 A 15 -1.37 0.41 -0.18
N ALA A 16 -2.07 0.00 -4.32
CA ALA A 16 -2.69 -0.94 -5.25
C ALA A 16 -2.68 -2.37 -4.68
N TYR A 17 -1.50 -2.81 -4.27
CA TYR A 17 -1.35 -4.16 -3.71
C TYR A 17 -2.14 -4.29 -2.41
N SER A 18 -2.07 -3.27 -1.58
CA SER A 18 -2.77 -3.27 -0.29
C SER A 18 -4.28 -3.38 -0.50
C MK8 A 19 -6.59 -4.27 -2.33
N MK8 A 19 -4.85 -2.71 -1.54
O MK8 A 19 -7.66 -4.80 -2.08
CA MK8 A 19 -6.27 -2.80 -1.95
CB MK8 A 19 -6.56 -1.90 -3.19
CD MK8 A 19 -6.63 0.49 -4.18
CE MK8 A 19 -6.75 1.96 -3.85
CG MK8 A 19 -6.54 -0.36 -2.91
CB1 MK8 A 19 -7.20 -2.32 -0.81
H MK8 A 19 -4.23 -2.25 -2.18
HB MK8 A 19 -5.85 -2.12 -3.99
HBA MK8 A 19 -7.54 -2.15 -3.59
HD MK8 A 19 -5.77 0.29 -4.83
HDA MK8 A 19 -7.51 0.19 -4.76
HE MK8 A 19 -7.76 2.31 -3.67
HG MK8 A 19 -7.41 -0.10 -2.27
HGA MK8 A 19 -5.65 -0.09 -2.35
HB1 MK8 A 19 -6.91 -1.34 -0.44
HB1A MK8 A 19 -8.24 -2.26 -1.14
HB1B MK8 A 19 -7.17 -2.98 0.04
N LEU A 20 -5.60 -4.94 -2.96
CA LEU A 20 -5.62 -6.35 -3.35
C LEU A 20 -5.80 -7.24 -2.12
N GLY A 21 -4.96 -7.04 -1.11
CA GLY A 21 -5.04 -7.84 0.10
C GLY A 21 -6.38 -7.70 0.79
N LEU A 22 -7.14 -6.68 0.40
CA LEU A 22 -8.46 -6.45 1.00
C LEU A 22 -9.56 -7.07 0.15
N LYS A 23 -9.44 -6.91 -1.17
CA LYS A 23 -10.42 -7.45 -2.10
C LYS A 23 -10.32 -8.97 -2.16
N ASP A 24 -9.28 -9.53 -1.55
CA ASP A 24 -9.07 -10.96 -1.54
C ASP A 24 -9.78 -11.60 -0.36
N GLN A 25 -10.27 -10.78 0.56
CA GLN A 25 -10.96 -11.27 1.74
C GLN A 25 -12.42 -10.80 1.75
N VAL A 26 -12.68 -9.69 1.06
CA VAL A 26 -14.03 -9.13 0.99
C VAL A 26 -15.04 -10.20 0.57
N NH2 A 27 -14.59 -11.13 -0.25
HN1 NH2 A 27 -13.64 -11.12 -0.57
HN2 NH2 A 27 -15.20 -11.86 -0.56
C ACE A 1 9.93 -9.75 10.72
O ACE A 1 8.73 -9.74 10.97
CH3 ACE A 1 10.51 -10.70 9.73
H1 ACE A 1 11.51 -11.00 10.05
H2 ACE A 1 9.88 -11.58 9.64
H3 ACE A 1 10.58 -10.21 8.76
N LYS A 2 10.80 -8.93 11.29
CA LYS A 2 10.38 -7.95 12.29
C LYS A 2 10.90 -6.56 11.93
N ARG A 3 12.23 -6.41 11.92
CA ARG A 3 12.85 -5.14 11.60
C ARG A 3 13.62 -5.23 10.29
N ILE A 4 13.01 -5.88 9.30
CA ILE A 4 13.64 -6.04 7.99
C ILE A 4 12.65 -5.76 6.87
N GLY A 5 12.70 -4.54 6.34
CA GLY A 5 11.81 -4.16 5.27
C GLY A 5 11.14 -2.82 5.51
N VAL A 6 10.38 -2.35 4.52
CA VAL A 6 9.67 -1.08 4.64
C VAL A 6 10.66 0.08 4.79
N ARG A 7 11.15 0.58 3.65
CA ARG A 7 12.11 1.68 3.65
C ARG A 7 12.35 2.19 2.23
N LEU A 8 11.30 2.14 1.41
CA LEU A 8 11.40 2.60 0.03
C LEU A 8 10.56 3.85 -0.19
N PRO A 9 10.96 4.67 -1.18
CA PRO A 9 10.26 5.91 -1.51
C PRO A 9 8.90 5.65 -2.15
N GLY A 10 8.73 4.46 -2.71
CA GLY A 10 7.47 4.10 -3.34
C GLY A 10 6.41 3.70 -2.35
N HIS A 11 5.38 4.52 -2.21
CA HIS A 11 4.29 4.24 -1.28
C HIS A 11 2.99 3.98 -2.03
N GLN A 12 2.87 4.56 -3.22
CA GLN A 12 1.67 4.39 -4.04
C GLN A 12 1.63 2.99 -4.66
N LYS A 13 2.81 2.41 -4.88
CA LYS A 13 2.92 1.08 -5.46
C LYS A 13 2.30 0.03 -4.54
N ARG A 14 2.31 0.31 -3.24
CA ARG A 14 1.75 -0.60 -2.25
C ARG A 14 0.28 -0.30 -1.99
C MK8 A 15 -2.49 0.28 -2.95
N MK8 A 15 -0.23 0.92 -2.34
O MK8 A 15 -3.27 -0.48 -2.42
CA MK8 A 15 -1.66 1.31 -2.19
CB MK8 A 15 -2.01 2.74 -2.79
CD MK8 A 15 -4.63 2.65 -2.32
CE MK8 A 15 -5.99 2.88 -2.94
CG MK8 A 15 -3.47 3.00 -3.30
CB1 MK8 A 15 -2.01 1.41 -0.67
H MK8 A 15 0.38 1.58 -2.77
HB MK8 A 15 -1.74 3.52 -2.09
HBA MK8 A 15 -1.38 2.91 -3.65
HD MK8 A 15 -4.58 1.61 -2.01
HDA MK8 A 15 -4.52 3.25 -1.42
HE MK8 A 15 -6.40 3.88 -2.78
HG MK8 A 15 -3.55 4.05 -3.55
HGA MK8 A 15 -3.63 2.46 -4.23
HB1 MK8 A 15 -1.51 0.64 -0.08
HB1A MK8 A 15 -1.67 2.36 -0.24
HB1B MK8 A 15 -3.08 1.32 -0.46
N ALA A 16 -2.23 0.23 -4.29
CA ALA A 16 -2.87 -0.70 -5.22
C ALA A 16 -2.79 -2.13 -4.70
N TYR A 17 -1.62 -2.50 -4.18
CA TYR A 17 -1.41 -3.84 -3.66
C TYR A 17 -2.26 -4.09 -2.41
N SER A 18 -2.25 -3.12 -1.49
CA SER A 18 -3.02 -3.23 -0.26
C SER A 18 -4.50 -3.44 -0.56
C MK8 A 19 -6.59 -4.43 -2.47
N MK8 A 19 -5.03 -2.76 -1.59
O MK8 A 19 -7.48 -5.11 -2.00
CA MK8 A 19 -6.41 -2.94 -2.09
CB MK8 A 19 -6.65 -1.95 -3.28
CD MK8 A 19 -6.37 0.55 -3.95
CE MK8 A 19 -6.75 1.98 -3.59
CG MK8 A 19 -6.72 -0.45 -2.83
CB1 MK8 A 19 -7.46 -2.55 -0.99
H MK8 A 19 -4.42 -2.21 -2.16
HB MK8 A 19 -5.87 -2.09 -4.02
HBA MK8 A 19 -7.59 -2.22 -3.78
HD MK8 A 19 -5.29 0.51 -4.13
HDA MK8 A 19 -6.86 0.28 -4.88
HE MK8 A 19 -7.72 2.29 -3.95
HG MK8 A 19 -7.73 -0.24 -2.49
HGA MK8 A 19 -6.05 -0.27 -2.01
HB1 MK8 A 19 -7.45 -3.27 -0.18
HB1A MK8 A 19 -7.25 -1.58 -0.54
HB1B MK8 A 19 -8.47 -2.55 -1.41
N LEU A 20 -5.57 -5.05 -3.12
CA LEU A 20 -5.49 -6.45 -3.53
C LEU A 20 -5.62 -7.37 -2.33
N GLY A 21 -4.82 -7.13 -1.29
CA GLY A 21 -4.86 -7.95 -0.10
C GLY A 21 -6.11 -7.70 0.73
N LEU A 22 -6.90 -6.71 0.31
CA LEU A 22 -8.13 -6.37 1.02
C LEU A 22 -9.33 -6.38 0.08
N LYS A 23 -9.24 -7.20 -0.96
CA LYS A 23 -10.32 -7.30 -1.95
C LYS A 23 -10.59 -8.76 -2.31
N ASP A 24 -9.52 -9.52 -2.54
CA ASP A 24 -9.65 -10.92 -2.89
C ASP A 24 -10.01 -11.76 -1.67
N GLN A 25 -9.55 -11.33 -0.50
CA GLN A 25 -9.83 -12.03 0.75
C GLN A 25 -11.27 -11.79 1.20
N VAL A 26 -11.68 -10.54 1.19
CA VAL A 26 -13.03 -10.17 1.59
C VAL A 26 -14.07 -10.83 0.71
N NH2 A 27 -13.73 -11.03 -0.55
HN1 NH2 A 27 -12.82 -10.74 -0.87
HN2 NH2 A 27 -14.37 -11.46 -1.19
C ACE A 1 -6.09 -5.17 21.51
O ACE A 1 -7.00 -5.67 20.86
CH3 ACE A 1 -6.26 -4.73 22.93
H1 ACE A 1 -7.27 -4.32 23.05
H2 ACE A 1 -6.14 -5.58 23.59
H3 ACE A 1 -5.53 -3.97 23.16
N LYS A 2 -4.86 -4.98 21.02
CA LYS A 2 -4.52 -5.36 19.65
C LYS A 2 -4.25 -6.86 19.56
N ARG A 3 -4.65 -7.46 18.44
CA ARG A 3 -4.45 -8.89 18.22
C ARG A 3 -3.27 -9.14 17.29
N ILE A 4 -2.16 -8.46 17.57
CA ILE A 4 -0.95 -8.61 16.75
C ILE A 4 -1.24 -8.27 15.29
N GLY A 5 -1.14 -6.99 14.95
CA GLY A 5 -1.39 -6.56 13.59
C GLY A 5 -1.40 -5.05 13.45
N VAL A 6 -0.41 -4.51 12.75
CA VAL A 6 -0.31 -3.07 12.54
C VAL A 6 0.83 -2.72 11.59
N ARG A 7 0.54 -1.86 10.62
CA ARG A 7 1.53 -1.45 9.64
C ARG A 7 1.33 0.01 9.24
N LEU A 8 2.33 0.58 8.58
CA LEU A 8 2.26 1.97 8.13
C LEU A 8 1.16 2.16 7.09
N PRO A 9 0.72 3.42 6.92
CA PRO A 9 -0.33 3.75 5.95
C PRO A 9 0.13 3.60 4.51
N GLY A 10 -0.83 3.42 3.61
CA GLY A 10 -0.51 3.26 2.21
C GLY A 10 -0.26 4.59 1.51
N HIS A 11 0.94 4.75 0.97
CA HIS A 11 1.31 5.98 0.28
C HIS A 11 1.11 5.83 -1.23
N GLN A 12 1.95 5.02 -1.86
CA GLN A 12 1.87 4.80 -3.30
C GLN A 12 2.51 3.47 -3.68
N LYS A 13 2.17 2.97 -4.86
CA LYS A 13 2.70 1.71 -5.35
C LYS A 13 2.09 0.53 -4.60
N ARG A 14 2.43 0.41 -3.32
CA ARG A 14 1.91 -0.66 -2.49
C ARG A 14 0.44 -0.44 -2.15
C MK8 A 15 -2.36 0.14 -2.97
N MK8 A 15 -0.08 0.80 -2.39
O MK8 A 15 -3.16 -0.57 -2.41
CA MK8 A 15 -1.51 1.18 -2.25
CB MK8 A 15 -1.77 2.58 -2.91
CD MK8 A 15 -4.14 2.67 -4.05
CE MK8 A 15 -5.60 2.93 -3.79
CG MK8 A 15 -3.25 3.10 -2.85
CB1 MK8 A 15 -1.86 1.28 -0.74
H MK8 A 15 0.51 1.48 -2.82
HB MK8 A 15 -1.15 3.33 -2.39
HBA MK8 A 15 -1.43 2.60 -3.94
HD MK8 A 15 -3.82 3.25 -4.93
HDA MK8 A 15 -3.99 1.63 -4.29
HE MK8 A 15 -5.85 3.95 -3.53
HG MK8 A 15 -3.74 2.80 -1.93
HGA MK8 A 15 -3.24 4.19 -2.84
HB1 MK8 A 15 -2.94 1.30 -0.56
HB1A MK8 A 15 -1.44 0.46 -0.18
HB1B MK8 A 15 -1.43 2.21 -0.33
N ALA A 16 -2.07 0.02 -4.29
CA ALA A 16 -2.69 -0.92 -5.23
C ALA A 16 -2.68 -2.34 -4.67
N TYR A 17 -1.50 -2.80 -4.26
CA TYR A 17 -1.35 -4.15 -3.72
C TYR A 17 -2.14 -4.30 -2.42
N SER A 18 -2.10 -3.26 -1.59
CA SER A 18 -2.79 -3.28 -0.31
C SER A 18 -4.31 -3.39 -0.53
C MK8 A 19 -6.61 -4.24 -2.35
N MK8 A 19 -4.86 -2.71 -1.55
O MK8 A 19 -7.67 -4.78 -2.10
CA MK8 A 19 -6.28 -2.78 -1.97
CB MK8 A 19 -6.55 -1.86 -3.20
CD MK8 A 19 -6.52 0.54 -4.16
CE MK8 A 19 -6.60 2.03 -3.82
CG MK8 A 19 -6.50 -0.33 -2.89
CB1 MK8 A 19 -7.21 -2.30 -0.81
H MK8 A 19 -4.24 -2.22 -2.18
HB MK8 A 19 -5.86 -2.09 -4.00
HBA MK8 A 19 -7.55 -2.08 -3.60
HD MK8 A 19 -5.64 0.33 -4.78
HDA MK8 A 19 -7.39 0.29 -4.76
HE MK8 A 19 -7.60 2.37 -3.59
HG MK8 A 19 -7.37 -0.05 -2.29
HGA MK8 A 19 -5.62 -0.09 -2.31
HB1 MK8 A 19 -8.25 -2.26 -1.14
HB1A MK8 A 19 -7.15 -2.95 0.06
HB1B MK8 A 19 -6.92 -1.30 -0.46
N LEU A 20 -5.61 -4.93 -2.97
CA LEU A 20 -5.63 -6.33 -3.37
C LEU A 20 -5.83 -7.24 -2.16
N GLY A 21 -4.99 -7.06 -1.14
CA GLY A 21 -5.09 -7.86 0.06
C GLY A 21 -6.42 -7.68 0.78
N LEU A 22 -7.16 -6.64 0.39
CA LEU A 22 -8.44 -6.34 1.01
C LEU A 22 -9.58 -6.89 0.15
N LYS A 23 -9.33 -7.02 -1.15
CA LYS A 23 -10.33 -7.55 -2.08
C LYS A 23 -10.30 -9.06 -2.12
N ASP A 24 -9.09 -9.63 -2.12
CA ASP A 24 -8.91 -11.07 -2.16
C ASP A 24 -9.42 -11.72 -0.88
N GLN A 25 -9.28 -11.01 0.23
CA GLN A 25 -9.72 -11.51 1.54
C GLN A 25 -11.23 -11.44 1.65
N VAL A 26 -11.82 -10.36 1.14
CA VAL A 26 -13.26 -10.17 1.20
C VAL A 26 -13.87 -10.17 -0.20
N NH2 A 27 -14.31 -11.34 -0.65
HN1 NH2 A 27 -14.23 -12.16 -0.08
HN2 NH2 A 27 -14.71 -11.41 -1.56
C ACE A 1 10.93 -1.74 -4.48
O ACE A 1 9.92 -1.53 -3.81
CH3 ACE A 1 11.28 -0.89 -5.65
H1 ACE A 1 10.63 -1.14 -6.49
H2 ACE A 1 11.16 0.16 -5.39
H3 ACE A 1 12.32 -1.08 -5.93
N LYS A 2 11.78 -2.72 -4.21
CA LYS A 2 11.56 -3.64 -3.10
C LYS A 2 11.80 -2.93 -1.77
N ARG A 3 11.48 -3.62 -0.67
CA ARG A 3 11.65 -3.05 0.66
C ARG A 3 13.02 -3.43 1.23
N ILE A 4 14.03 -2.64 0.90
CA ILE A 4 15.38 -2.89 1.39
C ILE A 4 16.32 -1.73 1.02
N GLY A 5 16.12 -1.18 -0.18
CA GLY A 5 16.95 -0.08 -0.63
C GLY A 5 16.39 1.27 -0.23
N VAL A 6 16.92 2.33 -0.82
CA VAL A 6 16.47 3.69 -0.53
C VAL A 6 14.96 3.81 -0.72
N ARG A 7 14.41 4.93 -0.28
CA ARG A 7 12.97 5.17 -0.39
C ARG A 7 12.64 5.88 -1.71
N LEU A 8 12.02 5.14 -2.63
CA LEU A 8 11.65 5.69 -3.93
C LEU A 8 10.70 6.86 -3.77
N PRO A 9 10.63 7.72 -4.80
CA PRO A 9 9.75 8.89 -4.80
C PRO A 9 8.29 8.52 -4.91
N GLY A 10 8.02 7.32 -5.42
CA GLY A 10 6.65 6.86 -5.57
C GLY A 10 6.07 6.34 -4.28
N HIS A 11 5.11 7.07 -3.72
CA HIS A 11 4.48 6.69 -2.47
C HIS A 11 3.01 6.29 -2.71
N GLN A 12 2.77 5.60 -3.81
CA GLN A 12 1.42 5.17 -4.15
C GLN A 12 1.45 3.93 -5.04
N LYS A 13 2.49 3.11 -4.87
CA LYS A 13 2.64 1.90 -5.67
C LYS A 13 2.05 0.70 -4.93
N ARG A 14 2.55 0.43 -3.74
CA ARG A 14 2.08 -0.68 -2.93
C ARG A 14 0.67 -0.42 -2.41
C MK8 A 15 -2.16 0.22 -2.77
N MK8 A 15 0.17 0.85 -2.45
O MK8 A 15 -3.00 -0.41 -2.16
CA MK8 A 15 -1.23 1.22 -2.10
CB MK8 A 15 -1.63 2.63 -2.65
CD MK8 A 15 -4.03 2.65 -3.75
CE MK8 A 15 -5.51 2.82 -3.45
CG MK8 A 15 -3.15 3.01 -2.52
CB1 MK8 A 15 -1.37 1.22 -0.55
H MK8 A 15 0.73 1.56 -2.89
HB MK8 A 15 -1.04 3.38 -2.11
HBA MK8 A 15 -1.33 2.73 -3.69
HD MK8 A 15 -3.76 3.31 -4.57
HDA MK8 A 15 -3.86 1.64 -4.09
HE MK8 A 15 -5.78 3.80 -3.07
HG MK8 A 15 -3.58 2.55 -1.62
HGA MK8 A 15 -3.22 4.09 -2.36
HB1 MK8 A 15 -0.77 2.01 -0.10
HB1A MK8 A 15 -2.40 1.36 -0.23
HB1B MK8 A 15 -1.03 0.27 -0.12
N ALA A 16 -1.91 0.05 -4.08
CA ALA A 16 -2.64 -0.87 -4.93
C ALA A 16 -2.66 -2.27 -4.34
N TYR A 17 -1.50 -2.73 -3.88
CA TYR A 17 -1.37 -4.06 -3.30
C TYR A 17 -2.31 -4.21 -2.10
N SER A 18 -2.33 -3.21 -1.23
CA SER A 18 -3.18 -3.23 -0.05
C SER A 18 -4.64 -3.45 -0.44
C MK8 A 19 -6.61 -4.51 -2.49
N MK8 A 19 -5.09 -2.84 -1.55
O MK8 A 19 -7.57 -5.15 -2.11
CA MK8 A 19 -6.44 -3.01 -2.12
CB MK8 A 19 -6.64 -2.02 -3.33
CD MK8 A 19 -6.43 0.49 -4.10
CE MK8 A 19 -6.49 1.93 -3.58
CG MK8 A 19 -6.48 -0.51 -2.93
CB1 MK8 A 19 -7.53 -2.60 -1.09
H MK8 A 19 -4.42 -2.35 -2.13
HB MK8 A 19 -5.95 -2.26 -4.13
HBA MK8 A 19 -7.63 -2.17 -3.75
HD MK8 A 19 -5.53 0.33 -4.70
HDA MK8 A 19 -7.28 0.32 -4.75
HE MK8 A 19 -7.51 2.24 -3.30
HG MK8 A 19 -7.33 -0.23 -2.30
HGA MK8 A 19 -5.59 -0.38 -2.32
HB1 MK8 A 19 -7.60 -3.32 -0.29
HB1A MK8 A 19 -7.30 -1.64 -0.61
HB1B MK8 A 19 -8.52 -2.53 -1.56
N LEU A 20 -5.55 -5.15 -3.02
CA LEU A 20 -5.45 -6.57 -3.38
C LEU A 20 -5.69 -7.46 -2.17
N GLY A 21 -4.94 -7.22 -1.10
CA GLY A 21 -5.10 -8.00 0.11
C GLY A 21 -6.42 -7.74 0.81
N LEU A 22 -7.15 -6.74 0.34
CA LEU A 22 -8.44 -6.39 0.91
C LEU A 22 -9.53 -6.35 -0.15
N LYS A 23 -9.41 -7.22 -1.14
CA LYS A 23 -10.39 -7.29 -2.23
C LYS A 23 -10.74 -8.74 -2.55
N ASP A 24 -9.72 -9.60 -2.60
CA ASP A 24 -9.92 -11.01 -2.91
C ASP A 24 -10.51 -11.74 -1.70
N GLN A 25 -10.13 -11.29 -0.51
CA GLN A 25 -10.62 -11.91 0.72
C GLN A 25 -12.01 -11.40 1.08
N VAL A 26 -12.16 -10.08 1.08
CA VAL A 26 -13.45 -9.47 1.40
C VAL A 26 -14.57 -10.04 0.52
N NH2 A 27 -15.76 -10.13 1.09
HN1 NH2 A 27 -15.89 -9.84 2.03
HN2 NH2 A 27 -16.53 -10.50 0.57
C ACE A 1 -0.27 12.05 -12.66
O ACE A 1 0.16 11.09 -13.29
CH3 ACE A 1 -1.38 12.90 -13.17
H1 ACE A 1 -1.87 12.40 -14.01
H2 ACE A 1 -2.11 13.08 -12.38
H3 ACE A 1 -0.98 13.86 -13.51
N LYS A 2 0.20 12.40 -11.47
CA LYS A 2 1.28 11.66 -10.82
C LYS A 2 2.48 11.53 -11.76
N ARG A 3 3.12 12.66 -12.05
CA ARG A 3 4.28 12.67 -12.93
C ARG A 3 5.57 12.75 -12.13
N ILE A 4 5.59 12.06 -10.98
CA ILE A 4 6.77 12.05 -10.13
C ILE A 4 7.23 13.47 -9.80
N GLY A 5 6.62 14.06 -8.79
CA GLY A 5 6.99 15.41 -8.40
C GLY A 5 6.61 15.73 -6.96
N VAL A 6 6.48 14.69 -6.15
CA VAL A 6 6.11 14.86 -4.74
C VAL A 6 7.35 14.93 -3.86
N ARG A 7 8.43 14.28 -4.29
CA ARG A 7 9.66 14.28 -3.54
C ARG A 7 9.45 13.72 -2.14
N LEU A 8 9.30 12.41 -2.05
CA LEU A 8 9.08 11.75 -0.75
C LEU A 8 9.18 10.23 -0.89
N PRO A 9 9.56 9.56 0.21
CA PRO A 9 9.69 8.10 0.23
C PRO A 9 8.34 7.39 0.15
N GLY A 10 7.29 8.11 0.51
CA GLY A 10 5.96 7.53 0.46
C GLY A 10 5.37 7.52 -0.94
N HIS A 11 5.30 6.33 -1.53
CA HIS A 11 4.76 6.17 -2.88
C HIS A 11 3.40 5.50 -2.85
N GLN A 12 2.60 5.73 -3.88
CA GLN A 12 1.27 5.14 -3.98
C GLN A 12 1.28 3.91 -4.89
N LYS A 13 2.42 3.23 -4.95
CA LYS A 13 2.56 2.05 -5.79
C LYS A 13 2.05 0.81 -5.06
N ARG A 14 2.62 0.53 -3.89
CA ARG A 14 2.23 -0.63 -3.10
C ARG A 14 0.84 -0.42 -2.49
C MK8 A 15 -2.02 0.18 -2.67
N MK8 A 15 0.31 0.83 -2.47
O MK8 A 15 -2.82 -0.49 -2.04
CA MK8 A 15 -1.06 1.15 -2.01
CB MK8 A 15 -1.51 2.59 -2.43
CD MK8 A 15 -4.00 2.66 -3.31
CE MK8 A 15 -5.44 2.63 -2.85
CG MK8 A 15 -3.01 2.93 -2.14
CB1 MK8 A 15 -1.10 1.04 -0.45
H MK8 A 15 0.84 1.57 -2.89
HB MK8 A 15 -0.89 3.31 -1.89
HBA MK8 A 15 -1.31 2.76 -3.49
HD MK8 A 15 -3.88 3.44 -4.06
HDA MK8 A 15 -3.77 1.73 -3.82
HE MK8 A 15 -5.89 3.61 -2.71
HG MK8 A 15 -3.36 2.42 -1.25
HGA MK8 A 15 -3.09 4.00 -1.90
HB1 MK8 A 15 -2.10 1.16 -0.04
HB1A MK8 A 15 -0.74 0.07 -0.11
HB1B MK8 A 15 -0.46 1.80 0.00
N ALA A 16 -1.86 0.07 -4.02
CA ALA A 16 -2.62 -0.83 -4.88
C ALA A 16 -2.59 -2.26 -4.33
N TYR A 17 -1.47 -2.64 -3.74
CA TYR A 17 -1.32 -3.97 -3.19
C TYR A 17 -2.30 -4.20 -2.04
N SER A 18 -2.38 -3.23 -1.13
CA SER A 18 -3.27 -3.32 0.01
C SER A 18 -4.71 -3.54 -0.44
C MK8 A 19 -6.61 -4.61 -2.51
N MK8 A 19 -5.14 -2.91 -1.57
O MK8 A 19 -7.60 -5.23 -2.22
CA MK8 A 19 -6.46 -3.10 -2.20
CB MK8 A 19 -6.66 -2.28 -3.52
CD MK8 A 19 -5.83 0.09 -2.72
CE MK8 A 19 -6.21 1.56 -2.60
CG MK8 A 19 -6.93 -0.75 -3.41
CB1 MK8 A 19 -7.59 -2.65 -1.24
H MK8 A 19 -4.44 -2.42 -2.12
HB MK8 A 19 -5.83 -2.45 -4.20
HBA MK8 A 19 -7.52 -2.71 -4.04
HD MK8 A 19 -5.67 -0.30 -1.71
HDA MK8 A 19 -4.91 -0.04 -3.27
HE MK8 A 19 -7.23 1.73 -2.26
HG MK8 A 19 -7.06 -0.37 -4.42
HGA MK8 A 19 -7.89 -0.58 -2.92
HB1 MK8 A 19 -7.63 -3.25 -0.35
HB1A MK8 A 19 -7.45 -1.62 -0.90
HB1B MK8 A 19 -8.58 -2.73 -1.72
N LEU A 20 -5.54 -5.26 -3.03
CA LEU A 20 -5.42 -6.67 -3.35
C LEU A 20 -5.69 -7.54 -2.13
N GLY A 21 -4.99 -7.25 -1.03
CA GLY A 21 -5.18 -8.01 0.20
C GLY A 21 -6.50 -7.71 0.87
N LEU A 22 -7.24 -6.74 0.32
CA LEU A 22 -8.52 -6.35 0.89
C LEU A 22 -9.60 -6.32 -0.21
N LYS A 23 -9.48 -7.22 -1.17
CA LYS A 23 -10.44 -7.29 -2.28
C LYS A 23 -10.80 -8.75 -2.56
N ASP A 24 -9.80 -9.61 -2.60
CA ASP A 24 -10.02 -11.03 -2.87
C ASP A 24 -10.76 -11.70 -1.71
N GLN A 25 -10.42 -11.30 -0.49
CA GLN A 25 -11.06 -11.87 0.69
C GLN A 25 -12.52 -11.43 0.78
N VAL A 26 -12.74 -10.12 0.69
CA VAL A 26 -14.09 -9.57 0.76
C VAL A 26 -14.97 -10.10 -0.37
N NH2 A 27 -16.06 -10.75 -0.02
HN1 NH2 A 27 -16.28 -10.86 0.94
HN2 NH2 A 27 -16.68 -11.12 -0.72
C ACE A 1 22.35 15.36 0.73
O ACE A 1 23.27 15.22 1.54
CH3 ACE A 1 22.58 15.93 -0.63
H1 ACE A 1 23.49 16.52 -0.64
H2 ACE A 1 22.66 15.12 -1.36
H3 ACE A 1 21.74 16.58 -0.90
N LYS A 2 21.09 15.02 0.99
CA LYS A 2 20.71 14.45 2.27
C LYS A 2 20.88 12.93 2.26
N ARG A 3 20.42 12.29 3.33
CA ARG A 3 20.51 10.83 3.45
C ARG A 3 19.22 10.17 3.00
N ILE A 4 19.36 9.02 2.33
CA ILE A 4 18.20 8.28 1.85
C ILE A 4 17.71 7.28 2.89
N GLY A 5 18.51 6.26 3.15
CA GLY A 5 18.14 5.24 4.12
C GLY A 5 17.41 4.07 3.49
N VAL A 6 16.61 3.38 4.28
CA VAL A 6 15.86 2.23 3.80
C VAL A 6 14.49 2.65 3.26
N ARG A 7 14.45 2.98 1.98
CA ARG A 7 13.20 3.40 1.34
C ARG A 7 12.68 4.69 1.98
N LEU A 8 11.60 5.23 1.41
CA LEU A 8 11.00 6.46 1.92
C LEU A 8 9.62 6.17 2.53
N PRO A 9 9.17 7.07 3.41
CA PRO A 9 7.87 6.94 4.07
C PRO A 9 6.70 7.16 3.12
N GLY A 10 6.98 7.85 2.01
CA GLY A 10 5.94 8.12 1.03
C GLY A 10 5.68 6.93 0.14
N HIS A 11 4.51 6.31 0.30
CA HIS A 11 4.14 5.15 -0.50
C HIS A 11 2.99 5.49 -1.45
N GLN A 12 2.73 4.60 -2.40
CA GLN A 12 1.66 4.81 -3.37
C GLN A 12 1.50 3.59 -4.27
N LYS A 13 2.62 3.08 -4.77
CA LYS A 13 2.60 1.91 -5.65
C LYS A 13 2.04 0.69 -4.92
N ARG A 14 2.52 0.46 -3.71
CA ARG A 14 2.07 -0.67 -2.90
C ARG A 14 0.64 -0.46 -2.43
C MK8 A 15 -2.22 0.09 -2.88
N MK8 A 15 0.08 0.78 -2.52
O MK8 A 15 -3.05 -0.60 -2.35
CA MK8 A 15 -1.33 1.09 -2.14
CB MK8 A 15 -1.82 2.51 -2.56
CD MK8 A 15 -4.25 2.75 -3.47
CE MK8 A 15 -5.70 2.77 -3.06
CG MK8 A 15 -3.31 2.84 -2.25
CB1 MK8 A 15 -1.39 1.02 -0.58
H MK8 A 15 0.57 1.50 -3.02
HB MK8 A 15 -1.18 3.26 -2.10
HBA MK8 A 15 -1.72 2.63 -3.64
HD MK8 A 15 -4.05 3.59 -4.14
HDA MK8 A 15 -4.03 1.84 -4.06
HE MK8 A 15 -6.15 3.75 -3.01
HG MK8 A 15 -3.70 2.18 -1.47
HGA MK8 A 15 -3.38 3.85 -1.84
HB1 MK8 A 15 -0.72 1.76 -0.16
HB1A MK8 A 15 -2.37 1.22 -0.18
HB1B MK8 A 15 -1.08 0.05 -0.21
N ALA A 16 -1.95 -0.06 -4.19
CA ALA A 16 -2.64 -1.00 -5.06
C ALA A 16 -2.59 -2.41 -4.49
N TYR A 17 -1.49 -2.75 -3.83
CA TYR A 17 -1.32 -4.07 -3.23
C TYR A 17 -2.24 -4.24 -2.02
N SER A 18 -2.33 -3.19 -1.20
CA SER A 18 -3.16 -3.22 -0.01
C SER A 18 -4.63 -3.45 -0.37
C MK8 A 19 -6.60 -4.46 -2.36
N MK8 A 19 -5.12 -2.79 -1.45
O MK8 A 19 -7.58 -5.10 -2.06
CA MK8 A 19 -6.46 -2.97 -2.02
CB MK8 A 19 -6.64 -2.18 -3.37
CD MK8 A 19 -6.00 0.25 -2.73
CE MK8 A 19 -6.45 1.71 -2.73
CG MK8 A 19 -7.08 -0.69 -3.30
CB1 MK8 A 19 -7.56 -2.53 -1.02
H MK8 A 19 -4.48 -2.18 -1.95
HB MK8 A 19 -5.73 -2.24 -3.96
HBA MK8 A 19 -7.40 -2.68 -3.95
HD MK8 A 19 -5.76 -0.05 -1.71
HDA MK8 A 19 -5.12 0.13 -3.34
HE MK8 A 19 -7.48 1.88 -2.42
HG MK8 A 19 -7.31 -0.36 -4.31
HGA MK8 A 19 -8.01 -0.58 -2.73
HB1 MK8 A 19 -7.55 -3.16 -0.13
HB1A MK8 A 19 -7.42 -1.50 -0.69
HB1B MK8 A 19 -8.55 -2.62 -1.47
N LEU A 20 -5.54 -5.03 -2.97
CA LEU A 20 -5.40 -6.42 -3.39
C LEU A 20 -5.63 -7.37 -2.22
N GLY A 21 -4.92 -7.14 -1.12
CA GLY A 21 -5.05 -7.98 0.05
C GLY A 21 -6.37 -7.76 0.78
N LEU A 22 -7.13 -6.77 0.31
CA LEU A 22 -8.42 -6.45 0.92
C LEU A 22 -9.51 -6.35 -0.14
N LYS A 23 -9.42 -7.19 -1.16
CA LYS A 23 -10.40 -7.19 -2.24
C LYS A 23 -10.96 -8.60 -2.46
N ASP A 24 -10.09 -9.60 -2.38
CA ASP A 24 -10.49 -10.98 -2.57
C ASP A 24 -10.80 -11.64 -1.24
N GLN A 25 -10.18 -11.14 -0.17
CA GLN A 25 -10.40 -11.68 1.17
C GLN A 25 -11.15 -10.69 2.04
N VAL A 26 -11.93 -9.81 1.41
CA VAL A 26 -12.70 -8.81 2.13
C VAL A 26 -13.69 -9.46 3.09
N NH2 A 27 -13.95 -8.78 4.20
HN1 NH2 A 27 -13.51 -7.90 4.36
HN2 NH2 A 27 -14.58 -9.16 4.88
C ACE A 1 0.01 -5.31 15.25
O ACE A 1 -0.73 -4.32 15.24
CH3 ACE A 1 1.37 -5.28 15.88
H1 ACE A 1 2.09 -4.92 15.15
H2 ACE A 1 1.35 -4.60 16.74
H3 ACE A 1 1.64 -6.27 16.20
N LYS A 2 -0.33 -6.47 14.71
CA LYS A 2 -1.62 -6.68 14.06
C LYS A 2 -1.76 -5.77 12.85
N ARG A 3 -2.93 -5.81 12.21
CA ARG A 3 -3.19 -4.99 11.04
C ARG A 3 -3.29 -3.52 11.41
N ILE A 4 -4.27 -3.19 12.24
CA ILE A 4 -4.47 -1.81 12.68
C ILE A 4 -3.48 -1.43 13.77
N GLY A 5 -2.62 -0.46 13.47
CA GLY A 5 -1.63 -0.02 14.43
C GLY A 5 -0.89 1.23 13.98
N VAL A 6 0.33 1.04 13.47
CA VAL A 6 1.14 2.15 13.01
C VAL A 6 0.42 2.93 11.92
N ARG A 7 0.55 4.26 11.96
CA ARG A 7 -0.09 5.12 10.97
C ARG A 7 0.93 5.64 9.96
N LEU A 8 0.67 5.39 8.69
CA LEU A 8 1.56 5.84 7.62
C LEU A 8 0.93 6.96 6.82
N PRO A 9 1.78 7.75 6.13
CA PRO A 9 1.32 8.87 5.31
C PRO A 9 0.58 8.42 4.06
N GLY A 10 0.74 7.14 3.71
CA GLY A 10 0.07 6.60 2.55
C GLY A 10 0.98 6.51 1.34
N HIS A 11 1.87 5.51 1.35
CA HIS A 11 2.80 5.32 0.25
C HIS A 11 2.07 4.83 -1.00
N GLN A 12 2.54 5.28 -2.16
CA GLN A 12 1.94 4.89 -3.43
C GLN A 12 2.50 3.56 -3.92
N LYS A 13 2.10 3.16 -5.12
CA LYS A 13 2.57 1.91 -5.71
C LYS A 13 2.01 0.71 -4.95
N ARG A 14 2.55 0.44 -3.77
CA ARG A 14 2.10 -0.67 -2.95
C ARG A 14 0.69 -0.42 -2.42
C MK8 A 15 -2.14 0.20 -2.74
N MK8 A 15 0.19 0.85 -2.43
O MK8 A 15 -3.00 -0.41 -2.15
CA MK8 A 15 -1.22 1.22 -2.09
CB MK8 A 15 -1.63 2.62 -2.65
CD MK8 A 15 -4.02 2.60 -3.78
CE MK8 A 15 -5.51 2.80 -3.53
CG MK8 A 15 -3.15 2.96 -2.54
CB1 MK8 A 15 -1.35 1.22 -0.54
H MK8 A 15 0.79 1.59 -2.77
HB MK8 A 15 -1.07 3.38 -2.11
HBA MK8 A 15 -1.32 2.72 -3.69
HD MK8 A 15 -3.71 3.24 -4.61
HDA MK8 A 15 -3.85 1.58 -4.09
HE MK8 A 15 -5.77 3.79 -3.18
HG MK8 A 15 -3.59 2.49 -1.66
HGA MK8 A 15 -3.24 4.04 -2.37
HB1 MK8 A 15 -0.75 2.02 -0.11
HB1A MK8 A 15 -2.39 1.36 -0.22
HB1B MK8 A 15 -1.00 0.28 -0.12
N ALA A 16 -1.88 0.03 -4.06
CA ALA A 16 -2.61 -0.89 -4.91
C ALA A 16 -2.63 -2.29 -4.31
N TYR A 17 -1.48 -2.75 -3.84
CA TYR A 17 -1.37 -4.09 -3.25
C TYR A 17 -2.32 -4.23 -2.06
N SER A 18 -2.33 -3.22 -1.20
CA SER A 18 -3.18 -3.23 -0.02
C SER A 18 -4.65 -3.44 -0.41
C MK8 A 19 -6.61 -4.49 -2.48
N MK8 A 19 -5.10 -2.82 -1.53
O MK8 A 19 -7.56 -5.13 -2.12
CA MK8 A 19 -6.44 -3.00 -2.11
CB MK8 A 19 -6.63 -2.03 -3.34
CD MK8 A 19 -6.42 0.46 -4.15
CE MK8 A 19 -6.49 1.90 -3.67
CG MK8 A 19 -6.47 -0.52 -2.96
CB1 MK8 A 19 -7.54 -2.58 -1.10
H MK8 A 19 -4.40 -2.36 -2.11
HB MK8 A 19 -5.94 -2.28 -4.14
HBA MK8 A 19 -7.61 -2.18 -3.76
HD MK8 A 19 -5.53 0.29 -4.75
HDA MK8 A 19 -7.28 0.27 -4.80
HE MK8 A 19 -7.50 2.23 -3.43
HG MK8 A 19 -7.30 -0.22 -2.33
HGA MK8 A 19 -5.56 -0.37 -2.37
HB1 MK8 A 19 -8.52 -2.53 -1.57
HB1A MK8 A 19 -7.61 -3.29 -0.30
HB1B MK8 A 19 -7.32 -1.62 -0.63
N LEU A 20 -5.55 -5.15 -3.02
CA LEU A 20 -5.43 -6.56 -3.38
C LEU A 20 -5.69 -7.46 -2.17
N GLY A 21 -4.95 -7.21 -1.10
CA GLY A 21 -5.10 -8.01 0.11
C GLY A 21 -6.43 -7.74 0.80
N LEU A 22 -7.16 -6.75 0.32
CA LEU A 22 -8.45 -6.40 0.90
C LEU A 22 -9.54 -6.35 -0.17
N LYS A 23 -9.41 -7.23 -1.16
CA LYS A 23 -10.38 -7.28 -2.26
C LYS A 23 -10.65 -8.73 -2.67
N ASP A 24 -9.58 -9.50 -2.81
CA ASP A 24 -9.70 -10.90 -3.19
C ASP A 24 -10.35 -11.72 -2.08
N GLN A 25 -10.02 -11.40 -0.84
CA GLN A 25 -10.58 -12.11 0.31
C GLN A 25 -12.06 -11.79 0.47
N VAL A 26 -12.36 -10.53 0.78
CA VAL A 26 -13.74 -10.10 0.97
C VAL A 26 -14.58 -10.40 -0.27
N NH2 A 27 -14.18 -9.82 -1.40
HN1 NH2 A 27 -13.37 -9.24 -1.40
HN2 NH2 A 27 -14.69 -9.98 -2.24
C ACE A 1 27.08 12.07 1.10
O ACE A 1 27.75 12.75 1.85
CH3 ACE A 1 27.66 10.96 0.28
H1 ACE A 1 28.55 11.32 -0.24
H2 ACE A 1 27.95 10.14 0.95
H3 ACE A 1 26.93 10.61 -0.44
N LYS A 2 25.77 12.25 0.93
CA LYS A 2 25.04 13.29 1.64
C LYS A 2 23.53 13.08 1.53
N ARG A 3 23.11 11.83 1.65
CA ARG A 3 21.69 11.50 1.56
C ARG A 3 20.96 11.88 2.84
N ILE A 4 19.63 11.79 2.80
CA ILE A 4 18.81 12.13 3.96
C ILE A 4 18.53 10.90 4.81
N GLY A 5 18.51 9.74 4.16
CA GLY A 5 18.24 8.50 4.86
C GLY A 5 17.80 7.38 3.94
N VAL A 6 17.87 6.14 4.42
CA VAL A 6 17.47 4.99 3.63
C VAL A 6 15.95 4.91 3.51
N ARG A 7 15.26 5.40 4.52
CA ARG A 7 13.80 5.38 4.54
C ARG A 7 13.24 6.23 3.39
N LEU A 8 12.66 5.57 2.40
CA LEU A 8 12.09 6.26 1.25
C LEU A 8 10.73 6.85 1.60
N PRO A 9 10.28 7.82 0.79
CA PRO A 9 8.99 8.49 0.99
C PRO A 9 7.82 7.56 0.69
N GLY A 10 6.60 8.08 0.85
CA GLY A 10 5.41 7.29 0.59
C GLY A 10 4.92 7.43 -0.84
N HIS A 11 5.00 6.34 -1.60
CA HIS A 11 4.56 6.35 -2.99
C HIS A 11 3.19 5.72 -3.13
N GLN A 12 2.65 5.73 -4.35
CA GLN A 12 1.35 5.15 -4.62
C GLN A 12 1.47 3.92 -5.53
N LYS A 13 2.39 3.02 -5.19
CA LYS A 13 2.60 1.81 -5.96
C LYS A 13 2.11 0.59 -5.20
N ARG A 14 2.59 0.43 -3.97
CA ARG A 14 2.21 -0.70 -3.14
C ARG A 14 0.83 -0.47 -2.51
C MK8 A 15 -2.02 0.25 -2.67
N MK8 A 15 0.36 0.80 -2.47
O MK8 A 15 -2.85 -0.40 -2.09
CA MK8 A 15 -1.01 1.18 -2.01
CB MK8 A 15 -1.31 2.65 -2.48
CD MK8 A 15 -3.91 2.68 -1.89
CE MK8 A 15 -4.35 2.23 -3.28
CG MK8 A 15 -2.52 3.38 -1.85
CB1 MK8 A 15 -1.04 1.10 -0.46
H MK8 A 15 0.90 1.53 -2.88
HB MK8 A 15 -0.43 3.26 -2.26
HBA MK8 A 15 -1.41 2.66 -3.57
HD MK8 A 15 -3.92 1.84 -1.19
HDA MK8 A 15 -4.65 3.40 -1.52
HE MK8 A 15 -3.88 2.72 -4.12
HG MK8 A 15 -2.30 3.61 -0.81
HGA MK8 A 15 -2.63 4.34 -2.35
HB1 MK8 A 15 -0.35 1.83 -0.02
HB1A MK8 A 15 -2.03 1.31 -0.06
HB1B MK8 A 15 -0.75 0.11 -0.10
N ALA A 16 -1.81 0.05 -3.97
CA ALA A 16 -2.59 -0.84 -4.83
C ALA A 16 -2.62 -2.26 -4.27
N TYR A 17 -1.49 -2.69 -3.71
CA TYR A 17 -1.38 -4.02 -3.15
C TYR A 17 -2.28 -4.17 -1.92
N SER A 18 -2.34 -3.11 -1.11
CA SER A 18 -3.15 -3.12 0.10
C SER A 18 -4.63 -3.32 -0.24
C MK8 A 19 -6.71 -4.27 -2.28
N MK8 A 19 -5.12 -2.66 -1.33
O MK8 A 19 -7.77 -4.86 -2.18
CA MK8 A 19 -6.49 -2.80 -1.88
CB MK8 A 19 -6.68 -1.93 -3.18
CD MK8 A 19 -6.02 0.51 -2.44
CE MK8 A 19 -5.24 1.25 -3.51
CG MK8 A 19 -7.10 -0.44 -3.03
CB1 MK8 A 19 -7.55 -2.37 -0.82
H MK8 A 19 -4.48 -2.10 -1.86
HB MK8 A 19 -5.79 -1.98 -3.80
HBA MK8 A 19 -7.48 -2.41 -3.77
HD MK8 A 19 -6.53 1.24 -1.82
HDA MK8 A 19 -5.36 -0.05 -1.79
HE MK8 A 19 -5.46 1.00 -4.54
HG MK8 A 19 -7.40 -0.06 -4.01
HGA MK8 A 19 -8.01 -0.36 -2.43
HB1 MK8 A 19 -7.53 -3.01 0.05
HB1A MK8 A 19 -7.35 -1.35 -0.47
HB1B MK8 A 19 -8.56 -2.40 -1.24
N LEU A 20 -5.62 -4.87 -2.84
CA LEU A 20 -5.53 -6.26 -3.28
C LEU A 20 -5.78 -7.21 -2.12
N GLY A 21 -5.04 -7.02 -1.02
CA GLY A 21 -5.21 -7.87 0.15
C GLY A 21 -6.60 -7.79 0.73
N LEU A 22 -7.36 -6.78 0.31
CA LEU A 22 -8.72 -6.59 0.81
C LEU A 22 -9.73 -7.17 -0.17
N LYS A 23 -9.35 -7.25 -1.44
CA LYS A 23 -10.23 -7.78 -2.48
C LYS A 23 -10.30 -9.30 -2.40
N ASP A 24 -9.15 -9.94 -2.24
CA ASP A 24 -9.08 -11.39 -2.14
C ASP A 24 -9.84 -11.89 -0.92
N GLN A 25 -9.89 -11.06 0.12
CA GLN A 25 -10.58 -11.42 1.35
C GLN A 25 -12.09 -11.35 1.16
N VAL A 26 -12.57 -10.25 0.60
CA VAL A 26 -14.00 -10.07 0.37
C VAL A 26 -14.49 -10.98 -0.75
N NH2 A 27 -15.69 -11.52 -0.57
HN1 NH2 A 27 -16.21 -11.33 0.26
HN2 NH2 A 27 -16.06 -12.13 -1.26
#